data_6HL7
#
_entry.id   6HL7
#
_cell.length_a   148.001
_cell.length_b   89.715
_cell.length_c   121.642
_cell.angle_alpha   90.000
_cell.angle_beta   122.170
_cell.angle_gamma   90.000
#
_symmetry.space_group_name_H-M   'C 1 2 1'
#
loop_
_entity.id
_entity.type
_entity.pdbx_description
1 polymer 'Aspartate transcarbamoylase'
2 non-polymer 'PHOSPHORIC ACID MONO(FORMAMIDE)ESTER'
3 water water
#
_entity_poly.entity_id   1
_entity_poly.type   'polypeptide(L)'
_entity_poly.pdbx_seq_one_letter_code
;MFYINSKYKIDLDKIMTKMKNKSVINIDDVDDEELLAILYTSKQFEKILKNNEDSKYLENKVFCSVFLEPSTATRCSFDA
AILKLGSKVLNITDMNSTSFYAGETVEDAFKILSTYVDGIIYRDPSKKNVDIAVSSSSKPIINAGNGTGEHPTQSLLDFY
TIHNYFPFILDRNINKKLNIAFVGDLKNGRTVHSLSKLLSRYNVSFNFVSCKSLNIPKDIVNTITYNLKKNNFYSDDSIK
YFDNLEEGLEDVHIIYMTRIQKERFTDVDEYNQYKNAFILSNKTLENTRDDTKILHPLPRVNEIKVEVDSNPKSVYFTQA
ENGLYVRMALLYLIFSSTSAWSHPQFEK
;
_entity_poly.pdbx_strand_id   A,B,C
#
loop_
_chem_comp.id
_chem_comp.type
_chem_comp.name
_chem_comp.formula
CP non-polymer 'PHOSPHORIC ACID MONO(FORMAMIDE)ESTER' 'C H4 N O5 P'
#
# COMPACT_ATOMS: atom_id res chain seq x y z
N ILE A 4 20.46 -1.86 31.99
CA ILE A 4 21.15 -0.64 32.56
C ILE A 4 21.27 0.48 31.49
N ASN A 5 20.71 1.68 31.78
CA ASN A 5 20.86 3.00 31.06
C ASN A 5 22.15 3.76 31.47
N SER A 6 22.88 3.27 32.49
CA SER A 6 24.23 3.62 33.02
C SER A 6 24.22 3.42 34.55
N LYS A 7 23.12 3.87 35.14
CA LYS A 7 22.81 3.98 36.58
C LYS A 7 21.47 3.26 36.86
N TYR A 8 20.60 3.06 35.85
CA TYR A 8 19.21 2.52 35.99
C TYR A 8 19.09 1.12 35.37
N LYS A 9 18.84 0.09 36.20
CA LYS A 9 18.42 -1.28 35.79
C LYS A 9 16.99 -1.18 35.27
N ILE A 10 16.74 -1.69 34.05
CA ILE A 10 15.40 -2.23 33.63
C ILE A 10 15.49 -3.76 33.59
N ASP A 11 14.59 -4.41 34.35
CA ASP A 11 14.25 -5.84 34.15
C ASP A 11 13.39 -5.90 32.90
N LEU A 12 13.97 -6.32 31.78
CA LEU A 12 13.27 -6.27 30.46
C LEU A 12 12.15 -7.33 30.47
N ASP A 13 12.44 -8.55 30.95
CA ASP A 13 11.43 -9.62 31.13
C ASP A 13 10.19 -8.98 31.75
N LYS A 14 10.28 -8.46 32.98
CA LYS A 14 9.11 -7.98 33.76
C LYS A 14 8.32 -7.01 32.88
N ILE A 15 9.02 -6.04 32.33
CA ILE A 15 8.42 -4.85 31.65
C ILE A 15 7.82 -5.27 30.30
N MET A 16 8.32 -6.33 29.69
CA MET A 16 7.74 -6.75 28.41
C MET A 16 6.40 -7.41 28.69
N THR A 17 6.33 -8.36 29.63
CA THR A 17 5.07 -8.90 30.18
C THR A 17 4.04 -7.78 30.40
N LYS A 18 4.48 -6.66 30.95
CA LYS A 18 3.62 -5.52 31.35
C LYS A 18 3.22 -4.75 30.09
N MET A 19 3.99 -4.82 29.00
CA MET A 19 3.70 -4.12 27.72
C MET A 19 2.95 -4.99 26.66
N LYS A 20 3.09 -6.32 26.58
CA LYS A 20 2.27 -7.16 25.67
C LYS A 20 0.87 -6.52 25.53
N ASN A 21 0.45 -6.27 24.28
CA ASN A 21 -0.92 -5.96 23.80
C ASN A 21 -1.48 -4.65 24.41
N LYS A 22 -0.58 -3.85 24.96
CA LYS A 22 -0.83 -2.48 25.45
C LYS A 22 -1.15 -1.62 24.24
N SER A 23 -2.23 -0.85 24.29
CA SER A 23 -2.51 0.23 23.33
C SER A 23 -1.86 1.54 23.82
N VAL A 24 -1.35 2.35 22.91
CA VAL A 24 -0.60 3.56 23.27
C VAL A 24 -1.32 4.71 22.57
N ILE A 25 -2.20 5.38 23.31
CA ILE A 25 -3.16 6.39 22.77
C ILE A 25 -2.69 7.78 23.17
N ASN A 26 -2.47 7.95 24.47
CA ASN A 26 -1.92 9.15 25.13
C ASN A 26 -0.59 8.82 25.82
N ILE A 27 0.32 9.77 25.89
CA ILE A 27 1.65 9.61 26.54
C ILE A 27 1.50 9.11 28.00
N ASP A 28 0.41 9.47 28.70
CA ASP A 28 0.10 8.95 30.08
C ASP A 28 -0.27 7.44 30.05
N ASP A 29 -0.59 6.83 28.91
CA ASP A 29 -0.56 5.33 28.79
C ASP A 29 0.87 4.76 29.01
N VAL A 30 1.93 5.56 29.03
CA VAL A 30 3.32 5.00 29.17
C VAL A 30 3.95 5.46 30.49
N ASP A 31 4.38 4.57 31.38
CA ASP A 31 4.93 4.95 32.73
C ASP A 31 6.46 5.08 32.67
N ASP A 32 7.12 5.35 33.79
CA ASP A 32 8.57 5.66 33.88
C ASP A 32 9.36 4.42 33.47
N GLU A 33 9.02 3.27 34.02
CA GLU A 33 9.73 2.00 33.75
C GLU A 33 9.64 1.64 32.26
N GLU A 34 8.43 1.78 31.69
CA GLU A 34 8.16 1.51 30.24
C GLU A 34 8.97 2.47 29.36
N LEU A 35 9.03 3.77 29.69
CA LEU A 35 9.84 4.80 28.97
C LEU A 35 11.32 4.37 28.91
N LEU A 36 11.88 3.90 30.04
CA LEU A 36 13.29 3.46 30.08
C LEU A 36 13.43 2.21 29.19
N ALA A 37 12.43 1.34 29.21
CA ALA A 37 12.45 0.13 28.35
C ALA A 37 12.48 0.55 26.87
N ILE A 38 11.62 1.50 26.51
CA ILE A 38 11.54 2.10 25.16
C ILE A 38 12.88 2.79 24.81
N LEU A 39 13.51 3.52 25.75
CA LEU A 39 14.75 4.29 25.44
C LEU A 39 15.87 3.28 25.33
N TYR A 40 15.83 2.24 26.17
CA TYR A 40 16.89 1.19 26.15
C TYR A 40 16.86 0.49 24.79
N THR A 41 15.72 -0.07 24.46
CA THR A 41 15.51 -0.85 23.21
C THR A 41 15.78 0.01 21.96
N SER A 42 15.37 1.30 21.96
CA SER A 42 15.57 2.24 20.85
C SER A 42 17.04 2.36 20.49
N LYS A 43 17.91 2.53 21.49
CA LYS A 43 19.39 2.69 21.34
C LYS A 43 20.00 1.41 20.75
N GLN A 44 19.43 0.26 21.10
CA GLN A 44 19.86 -1.09 20.64
C GLN A 44 19.54 -1.26 19.15
N PHE A 45 18.34 -0.83 18.71
CA PHE A 45 17.95 -0.88 17.28
C PHE A 45 18.78 0.14 16.51
N GLU A 46 19.09 1.26 17.14
CA GLU A 46 20.01 2.27 16.54
C GLU A 46 21.35 1.59 16.29
N LYS A 47 21.93 0.95 17.31
CA LYS A 47 23.30 0.34 17.24
C LYS A 47 23.32 -0.69 16.09
N ILE A 48 22.23 -1.46 16.00
CA ILE A 48 22.03 -2.61 15.07
C ILE A 48 21.98 -2.06 13.63
N LEU A 49 21.06 -1.17 13.31
CA LEU A 49 20.91 -0.57 11.95
C LEU A 49 22.20 0.14 11.52
N LYS A 50 22.91 0.80 12.43
CA LYS A 50 24.17 1.52 12.18
C LYS A 50 25.31 0.51 11.95
N ASN A 51 25.28 -0.71 12.49
CA ASN A 51 26.36 -1.68 12.18
C ASN A 51 25.88 -2.66 11.09
N ASN A 52 24.86 -2.29 10.30
CA ASN A 52 24.30 -3.19 9.26
C ASN A 52 24.12 -4.60 9.83
N GLU A 53 23.57 -4.70 11.02
CA GLU A 53 23.29 -6.01 11.66
C GLU A 53 21.82 -6.36 11.40
N ASP A 54 21.48 -7.62 11.62
CA ASP A 54 20.11 -8.18 11.50
C ASP A 54 19.23 -7.48 12.52
N SER A 55 18.14 -6.85 12.06
CA SER A 55 17.09 -6.19 12.87
C SER A 55 15.79 -7.02 12.92
N LYS A 56 15.74 -8.19 12.30
CA LYS A 56 14.46 -8.91 12.13
C LYS A 56 14.11 -9.71 13.41
N TYR A 57 13.53 -9.04 14.41
CA TYR A 57 13.27 -9.60 15.76
C TYR A 57 11.77 -9.51 16.11
N LEU A 58 10.94 -9.04 15.20
CA LEU A 58 9.46 -9.18 15.25
C LEU A 58 8.98 -9.60 13.86
N GLU A 59 9.32 -10.81 13.41
CA GLU A 59 8.95 -11.40 12.08
C GLU A 59 7.50 -11.90 12.08
N ASN A 60 6.90 -12.02 10.88
CA ASN A 60 5.57 -12.64 10.58
C ASN A 60 4.40 -12.10 11.46
N LYS A 61 4.40 -10.82 11.86
CA LYS A 61 3.24 -10.08 12.42
C LYS A 61 2.63 -9.30 11.24
N VAL A 62 1.35 -8.94 11.33
CA VAL A 62 0.66 -8.23 10.21
C VAL A 62 -0.03 -7.05 10.84
N PHE A 63 0.40 -5.83 10.50
CA PHE A 63 -0.18 -4.58 11.06
C PHE A 63 -1.05 -3.93 10.00
N CYS A 64 -2.12 -3.27 10.41
CA CYS A 64 -2.88 -2.32 9.57
C CYS A 64 -2.53 -0.89 10.00
N SER A 65 -1.94 -0.14 9.08
CA SER A 65 -1.70 1.31 9.21
C SER A 65 -2.88 2.05 8.56
N VAL A 66 -3.60 2.83 9.35
CA VAL A 66 -4.83 3.55 8.92
C VAL A 66 -4.59 5.04 9.18
N PHE A 67 -4.35 5.77 8.09
CA PHE A 67 -3.98 7.20 8.01
C PHE A 67 -5.10 7.92 7.25
N LEU A 68 -5.89 8.68 7.99
CA LEU A 68 -7.12 9.34 7.48
C LEU A 68 -6.84 10.83 7.23
N GLU A 69 -5.56 11.16 7.10
CA GLU A 69 -5.05 12.55 6.89
C GLU A 69 -3.59 12.45 6.46
N PRO A 70 -3.07 13.45 5.71
CA PRO A 70 -1.73 13.39 5.17
C PRO A 70 -0.69 13.08 6.25
N SER A 71 0.41 12.47 5.85
CA SER A 71 1.58 12.08 6.67
C SER A 71 2.73 11.68 5.74
N THR A 72 3.96 12.14 5.99
CA THR A 72 5.19 11.58 5.39
C THR A 72 5.99 10.95 6.54
N ALA A 73 6.77 11.72 7.28
CA ALA A 73 7.60 11.21 8.40
C ALA A 73 6.88 10.08 9.14
N THR A 74 5.78 10.35 9.84
CA THR A 74 5.15 9.40 10.80
C THR A 74 4.73 8.10 10.08
N ARG A 75 4.01 8.19 8.95
CA ARG A 75 3.48 6.96 8.29
C ARG A 75 4.63 6.18 7.67
N CYS A 76 5.65 6.83 7.13
CA CYS A 76 6.75 6.14 6.43
C CYS A 76 7.71 5.54 7.47
N SER A 77 7.91 6.15 8.65
CA SER A 77 8.75 5.58 9.72
C SER A 77 8.09 4.30 10.25
N PHE A 78 6.83 4.36 10.62
CA PHE A 78 6.06 3.16 11.04
C PHE A 78 6.17 2.03 10.00
N ASP A 79 5.78 2.27 8.73
CA ASP A 79 5.91 1.26 7.64
C ASP A 79 7.33 0.66 7.64
N ALA A 80 8.37 1.50 7.75
CA ALA A 80 9.79 1.09 7.70
C ALA A 80 10.19 0.34 8.96
N ALA A 81 9.68 0.76 10.12
CA ALA A 81 9.90 0.04 11.39
C ALA A 81 9.33 -1.37 11.25
N ILE A 82 8.11 -1.43 10.78
CA ILE A 82 7.44 -2.74 10.49
C ILE A 82 8.31 -3.55 9.53
N LEU A 83 8.76 -3.01 8.39
CA LEU A 83 9.44 -3.87 7.37
C LEU A 83 10.83 -4.29 7.87
N LYS A 84 11.60 -3.37 8.48
CA LYS A 84 12.97 -3.59 9.03
C LYS A 84 12.96 -4.64 10.17
N LEU A 85 11.89 -4.67 10.95
CA LEU A 85 11.65 -5.67 12.03
C LEU A 85 11.31 -7.03 11.43
N GLY A 86 10.85 -7.12 10.17
CA GLY A 86 10.50 -8.38 9.49
C GLY A 86 9.02 -8.70 9.51
N SER A 87 8.17 -7.75 9.89
CA SER A 87 6.70 -7.89 9.82
C SER A 87 6.16 -7.27 8.52
N LYS A 88 4.83 -7.25 8.37
CA LYS A 88 4.12 -6.96 7.10
C LYS A 88 3.05 -5.94 7.46
N VAL A 89 2.61 -5.14 6.51
CA VAL A 89 1.69 -4.00 6.79
C VAL A 89 0.68 -3.85 5.65
N LEU A 90 -0.61 -3.80 5.94
CA LEU A 90 -1.55 -3.22 4.92
C LEU A 90 -1.98 -1.81 5.32
N ASN A 91 -1.97 -0.96 4.30
CA ASN A 91 -2.04 0.53 4.32
C ASN A 91 -3.46 0.96 3.97
N ILE A 92 -3.98 1.93 4.71
CA ILE A 92 -5.17 2.74 4.30
C ILE A 92 -4.75 4.23 4.25
N THR A 93 -5.05 4.86 3.12
CA THR A 93 -4.69 6.24 2.72
C THR A 93 -5.85 6.79 1.88
N ASP A 94 -7.09 6.65 2.40
CA ASP A 94 -8.32 7.41 2.03
C ASP A 94 -8.23 8.75 2.79
N MET A 95 -8.16 9.90 2.09
CA MET A 95 -7.84 11.21 2.71
C MET A 95 -9.10 11.90 3.25
N ASN A 96 -10.14 11.10 3.49
CA ASN A 96 -11.38 11.45 4.24
C ASN A 96 -11.63 10.33 5.25
N SER A 97 -11.70 10.67 6.53
CA SER A 97 -12.30 9.80 7.57
C SER A 97 -13.71 9.36 7.12
N THR A 98 -14.51 10.19 6.44
CA THR A 98 -15.93 9.83 6.09
C THR A 98 -16.00 8.91 4.85
N SER A 99 -15.02 8.89 3.96
CA SER A 99 -14.87 7.89 2.85
C SER A 99 -14.78 6.48 3.43
N PHE A 100 -13.78 6.32 4.31
CA PHE A 100 -13.31 5.03 4.87
C PHE A 100 -14.43 4.41 5.69
N TYR A 101 -15.07 5.20 6.55
CA TYR A 101 -16.26 4.76 7.32
C TYR A 101 -17.40 4.53 6.34
N ALA A 102 -17.68 5.51 5.48
CA ALA A 102 -18.85 5.60 4.57
C ALA A 102 -20.04 4.92 5.25
N GLY A 103 -20.70 5.62 6.17
CA GLY A 103 -21.97 5.16 6.81
C GLY A 103 -21.74 4.27 8.02
N GLU A 104 -20.75 3.36 8.00
CA GLU A 104 -20.58 2.34 9.04
C GLU A 104 -19.87 3.01 10.22
N THR A 105 -20.36 2.74 11.44
CA THR A 105 -19.86 3.23 12.73
C THR A 105 -18.41 2.81 12.87
N VAL A 106 -17.63 3.59 13.63
CA VAL A 106 -16.18 3.32 13.90
C VAL A 106 -16.08 1.98 14.64
N GLU A 107 -17.00 1.70 15.56
CA GLU A 107 -16.84 0.52 16.47
C GLU A 107 -16.93 -0.73 15.59
N ASP A 108 -17.96 -0.79 14.74
CA ASP A 108 -18.06 -1.83 13.65
C ASP A 108 -16.76 -1.92 12.82
N ALA A 109 -16.34 -0.84 12.17
CA ALA A 109 -15.15 -0.86 11.31
C ALA A 109 -13.93 -1.46 12.03
N PHE A 110 -13.71 -1.22 13.34
CA PHE A 110 -12.54 -1.71 14.13
C PHE A 110 -12.77 -3.15 14.66
N LYS A 111 -13.99 -3.48 15.05
CA LYS A 111 -14.31 -4.87 15.44
C LYS A 111 -13.96 -5.76 14.23
N ILE A 112 -14.37 -5.38 13.03
CA ILE A 112 -14.05 -6.14 11.78
C ILE A 112 -12.52 -6.08 11.51
N LEU A 113 -11.94 -4.91 11.30
CA LEU A 113 -10.54 -4.76 10.86
C LEU A 113 -9.59 -5.49 11.82
N SER A 114 -9.93 -5.47 13.11
CA SER A 114 -9.14 -6.06 14.20
C SER A 114 -9.08 -7.58 14.06
N THR A 115 -10.04 -8.25 13.39
CA THR A 115 -10.05 -9.73 13.27
C THR A 115 -8.96 -10.20 12.30
N TYR A 116 -8.60 -9.38 11.30
CA TYR A 116 -7.63 -9.69 10.19
C TYR A 116 -6.15 -9.49 10.55
N VAL A 117 -5.83 -8.71 11.58
CA VAL A 117 -4.43 -8.25 11.84
C VAL A 117 -4.08 -8.35 13.33
N ASP A 118 -2.83 -8.06 13.65
CA ASP A 118 -2.25 -8.22 15.01
C ASP A 118 -2.17 -6.88 15.76
N GLY A 119 -2.26 -5.79 15.02
CA GLY A 119 -2.21 -4.43 15.59
C GLY A 119 -2.55 -3.41 14.54
N ILE A 120 -3.02 -2.26 14.97
CA ILE A 120 -3.43 -1.16 14.06
C ILE A 120 -2.67 0.09 14.49
N ILE A 121 -2.12 0.78 13.50
CA ILE A 121 -1.57 2.14 13.66
C ILE A 121 -2.60 3.09 13.08
N TYR A 122 -3.02 4.09 13.85
CA TYR A 122 -4.27 4.84 13.61
C TYR A 122 -4.01 6.36 13.65
N ARG A 123 -4.22 7.05 12.53
CA ARG A 123 -4.25 8.52 12.57
C ARG A 123 -5.52 9.06 11.94
N ASP A 124 -6.12 10.04 12.60
CA ASP A 124 -7.45 10.57 12.25
C ASP A 124 -7.48 12.02 12.69
N PRO A 125 -7.89 12.98 11.84
CA PRO A 125 -8.02 14.37 12.27
C PRO A 125 -8.95 14.57 13.46
N SER A 126 -9.81 13.61 13.76
CA SER A 126 -10.77 13.65 14.90
C SER A 126 -10.01 13.22 16.16
N LYS A 127 -10.32 13.85 17.29
CA LYS A 127 -9.80 13.53 18.64
C LYS A 127 -10.44 12.22 19.12
N LYS A 128 -11.75 12.07 18.93
CA LYS A 128 -12.67 11.18 19.68
C LYS A 128 -12.55 9.77 19.11
N ASN A 129 -12.37 9.61 17.78
CA ASN A 129 -12.54 8.29 17.09
C ASN A 129 -11.61 7.24 17.70
N VAL A 130 -10.40 7.62 18.07
CA VAL A 130 -9.34 6.70 18.57
C VAL A 130 -9.84 5.98 19.82
N ASP A 131 -10.60 6.67 20.67
CA ASP A 131 -11.14 6.11 21.94
C ASP A 131 -12.17 5.05 21.58
N ILE A 132 -12.99 5.36 20.58
CA ILE A 132 -14.04 4.47 20.02
C ILE A 132 -13.38 3.21 19.46
N ALA A 133 -12.31 3.39 18.70
CA ALA A 133 -11.52 2.30 18.06
C ALA A 133 -11.01 1.38 19.17
N VAL A 134 -10.44 1.99 20.20
CA VAL A 134 -9.75 1.29 21.31
C VAL A 134 -10.72 0.43 22.10
N SER A 135 -11.96 0.88 22.22
CA SER A 135 -12.92 0.21 23.13
C SER A 135 -13.57 -0.94 22.37
N SER A 136 -13.52 -1.00 21.03
CA SER A 136 -14.11 -2.13 20.26
C SER A 136 -13.03 -2.93 19.54
N SER A 137 -11.80 -2.41 19.38
CA SER A 137 -10.70 -3.18 18.76
C SER A 137 -10.37 -4.37 19.64
N SER A 138 -10.07 -5.50 19.02
CA SER A 138 -9.71 -6.75 19.72
C SER A 138 -8.19 -6.84 19.69
N LYS A 139 -7.54 -5.94 18.95
CA LYS A 139 -6.05 -5.89 18.89
C LYS A 139 -5.56 -4.53 19.36
N PRO A 140 -4.29 -4.44 19.77
CA PRO A 140 -3.75 -3.17 20.23
C PRO A 140 -3.69 -2.10 19.13
N ILE A 141 -3.94 -0.85 19.54
CA ILE A 141 -3.93 0.34 18.67
C ILE A 141 -2.86 1.29 19.16
N ILE A 142 -1.98 1.71 18.24
CA ILE A 142 -0.98 2.80 18.43
C ILE A 142 -1.46 4.04 17.72
N ASN A 143 -1.75 5.10 18.48
CA ASN A 143 -2.22 6.42 17.99
C ASN A 143 -1.06 7.17 17.31
N ALA A 144 -1.15 7.35 16.00
CA ALA A 144 -0.15 8.16 15.24
C ALA A 144 -0.67 9.60 15.10
N GLY A 145 -1.79 9.92 15.76
CA GLY A 145 -2.20 11.32 15.91
C GLY A 145 -3.69 11.50 15.81
N ASN A 146 -4.25 12.09 16.86
CA ASN A 146 -5.72 12.21 17.04
C ASN A 146 -6.07 13.69 17.04
N GLY A 147 -5.97 14.33 15.88
CA GLY A 147 -6.31 15.75 15.67
C GLY A 147 -5.39 16.64 16.51
N THR A 148 -5.98 17.62 17.20
CA THR A 148 -5.29 18.57 18.10
C THR A 148 -4.96 17.91 19.44
N GLY A 149 -5.27 16.62 19.63
CA GLY A 149 -5.03 15.92 20.91
C GLY A 149 -3.54 15.71 21.17
N GLU A 150 -3.04 14.54 20.77
CA GLU A 150 -1.76 13.96 21.25
C GLU A 150 -1.13 13.11 20.14
N HIS A 151 0.10 12.69 20.38
CA HIS A 151 0.99 12.10 19.34
C HIS A 151 2.11 11.43 20.10
N PRO A 152 1.79 10.35 20.83
CA PRO A 152 2.68 9.83 21.84
C PRO A 152 3.99 9.31 21.25
N THR A 153 3.99 8.75 20.05
CA THR A 153 5.25 8.22 19.45
C THR A 153 6.17 9.39 19.05
N GLN A 154 5.64 10.59 18.79
CA GLN A 154 6.45 11.82 18.57
C GLN A 154 7.14 12.20 19.89
N SER A 155 6.41 12.17 20.99
CA SER A 155 6.88 12.38 22.39
C SER A 155 8.08 11.49 22.68
N LEU A 156 7.94 10.21 22.38
CA LEU A 156 8.93 9.19 22.78
C LEU A 156 10.17 9.45 21.96
N LEU A 157 10.05 9.93 20.71
CA LEU A 157 11.23 10.00 19.80
C LEU A 157 11.93 11.36 20.01
N ASP A 158 11.15 12.40 20.34
CA ASP A 158 11.58 13.72 20.88
C ASP A 158 12.48 13.56 22.14
N PHE A 159 11.94 12.87 23.16
CA PHE A 159 12.55 12.59 24.47
C PHE A 159 13.77 11.74 24.25
N TYR A 160 13.74 10.79 23.33
CA TYR A 160 14.96 9.98 23.03
C TYR A 160 16.03 10.97 22.53
N THR A 161 15.61 11.91 21.67
CA THR A 161 16.49 12.89 21.00
C THR A 161 17.07 13.75 22.12
N ILE A 162 16.21 14.37 22.91
CA ILE A 162 16.60 15.28 24.02
C ILE A 162 17.55 14.54 24.99
N HIS A 163 17.27 13.28 25.30
CA HIS A 163 18.06 12.44 26.25
C HIS A 163 19.42 12.08 25.63
N ASN A 164 19.50 11.97 24.30
CA ASN A 164 20.80 11.72 23.65
C ASN A 164 21.74 12.88 24.08
N TYR A 165 21.24 14.12 24.19
CA TYR A 165 22.09 15.35 24.30
C TYR A 165 22.15 15.92 25.73
N PHE A 166 21.25 15.51 26.61
CA PHE A 166 21.04 16.03 27.98
C PHE A 166 20.56 14.87 28.86
N PRO A 167 21.43 13.84 29.00
CA PRO A 167 21.08 12.60 29.67
C PRO A 167 20.46 12.80 31.08
N PHE A 168 20.73 13.95 31.69
CA PHE A 168 20.25 14.26 33.04
C PHE A 168 18.74 14.55 33.09
N ILE A 169 17.95 14.60 31.99
CA ILE A 169 16.46 14.73 32.22
C ILE A 169 16.04 13.51 33.04
N LEU A 170 16.76 12.37 32.99
CA LEU A 170 16.25 11.11 33.60
C LEU A 170 16.55 11.11 35.10
N ASP A 171 17.40 12.02 35.60
CA ASP A 171 17.94 11.90 36.97
C ASP A 171 16.95 12.47 38.00
N ARG A 172 16.11 13.43 37.68
CA ARG A 172 15.20 14.07 38.67
C ARG A 172 16.09 14.61 39.81
N ASN A 173 17.22 15.18 39.41
CA ASN A 173 18.15 15.92 40.30
C ASN A 173 17.72 17.40 40.41
N ILE A 174 17.42 17.86 41.62
CA ILE A 174 16.96 19.26 41.93
C ILE A 174 17.96 20.25 41.31
N ASN A 175 19.25 19.90 41.20
CA ASN A 175 20.27 20.86 40.73
C ASN A 175 20.48 20.79 39.21
N LYS A 176 19.86 19.85 38.51
CA LYS A 176 20.11 19.64 37.06
C LYS A 176 18.79 19.72 36.31
N LYS A 177 18.38 20.95 35.97
CA LYS A 177 17.07 21.32 35.35
C LYS A 177 17.25 21.54 33.84
N LEU A 178 16.43 20.88 33.00
CA LEU A 178 16.37 21.15 31.53
C LEU A 178 15.37 22.28 31.31
N ASN A 179 15.77 23.30 30.56
CA ASN A 179 14.88 24.39 30.08
C ASN A 179 14.61 24.22 28.58
N ILE A 180 13.33 24.25 28.18
CA ILE A 180 12.84 24.02 26.79
C ILE A 180 11.97 25.21 26.37
N ALA A 181 12.11 25.67 25.11
CA ALA A 181 11.19 26.63 24.46
C ALA A 181 10.34 25.88 23.43
N PHE A 182 9.01 25.94 23.56
CA PHE A 182 8.03 25.48 22.54
C PHE A 182 7.55 26.75 21.78
N VAL A 183 7.62 26.74 20.45
CA VAL A 183 7.37 27.93 19.58
C VAL A 183 6.41 27.57 18.45
N GLY A 184 5.35 28.37 18.25
CA GLY A 184 4.35 28.21 17.18
C GLY A 184 2.96 27.85 17.70
N ASP A 185 2.27 26.94 17.01
CA ASP A 185 0.86 26.55 17.30
C ASP A 185 0.83 25.58 18.49
N LEU A 186 0.67 26.11 19.70
CA LEU A 186 0.66 25.28 20.93
C LEU A 186 -0.76 24.78 21.23
N LYS A 187 -1.76 25.47 20.68
CA LYS A 187 -3.21 25.21 20.86
C LYS A 187 -3.56 23.91 20.12
N ASN A 188 -3.00 23.75 18.91
CA ASN A 188 -3.31 22.65 17.95
C ASN A 188 -2.11 21.69 17.83
N GLY A 189 -0.94 22.03 18.38
CA GLY A 189 0.29 21.21 18.34
C GLY A 189 0.13 19.95 19.18
N ARG A 190 -0.38 18.87 18.57
CA ARG A 190 -0.61 17.52 19.17
C ARG A 190 0.77 17.05 19.65
N THR A 191 1.79 17.55 18.98
CA THR A 191 3.23 17.27 19.25
C THR A 191 3.64 17.94 20.58
N VAL A 192 3.33 19.21 20.75
CA VAL A 192 3.62 19.94 22.00
C VAL A 192 2.88 19.30 23.18
N HIS A 193 1.62 18.87 22.96
CA HIS A 193 0.71 18.39 24.03
C HIS A 193 1.31 17.10 24.60
N SER A 194 1.68 16.17 23.74
CA SER A 194 2.36 14.94 24.18
C SER A 194 3.73 15.24 24.84
N LEU A 195 4.64 16.05 24.28
CA LEU A 195 6.03 16.18 24.85
C LEU A 195 6.03 16.98 26.16
N SER A 196 5.24 18.06 26.25
CA SER A 196 5.00 18.88 27.48
C SER A 196 4.68 18.00 28.68
N LYS A 197 3.53 17.32 28.58
CA LYS A 197 3.04 16.33 29.57
C LYS A 197 4.21 15.44 29.99
N LEU A 198 4.96 14.90 29.03
CA LEU A 198 6.01 13.88 29.28
C LEU A 198 7.15 14.54 30.07
N LEU A 199 7.58 15.70 29.60
CA LEU A 199 8.73 16.46 30.13
C LEU A 199 8.40 16.91 31.56
N SER A 200 7.14 17.20 31.82
CA SER A 200 6.68 17.71 33.13
C SER A 200 6.79 16.63 34.22
N ARG A 201 7.13 15.40 33.87
CA ARG A 201 7.42 14.36 34.89
C ARG A 201 8.85 14.52 35.42
N TYR A 202 9.70 15.35 34.80
CA TYR A 202 11.11 15.52 35.20
C TYR A 202 11.36 16.96 35.63
N ASN A 203 12.62 17.27 35.90
CA ASN A 203 13.05 18.64 36.26
C ASN A 203 13.31 19.43 34.98
N VAL A 204 12.28 20.19 34.59
CA VAL A 204 12.21 20.90 33.29
C VAL A 204 11.48 22.23 33.52
N SER A 205 11.93 23.30 32.90
CA SER A 205 11.13 24.55 32.85
C SER A 205 10.71 24.82 31.41
N PHE A 206 9.58 25.51 31.25
CA PHE A 206 8.88 25.70 29.97
C PHE A 206 8.78 27.19 29.65
N ASN A 207 9.36 27.59 28.51
CA ASN A 207 9.02 28.84 27.78
C ASN A 207 8.02 28.50 26.66
N PHE A 208 6.83 29.14 26.66
CA PHE A 208 5.76 28.87 25.66
C PHE A 208 5.58 30.10 24.78
N VAL A 209 6.24 30.10 23.63
CA VAL A 209 6.25 31.27 22.70
C VAL A 209 5.11 31.10 21.69
N SER A 210 4.16 32.04 21.57
CA SER A 210 3.08 31.93 20.56
C SER A 210 2.36 33.26 20.49
N CYS A 211 1.43 33.41 19.55
CA CYS A 211 0.47 34.55 19.49
C CYS A 211 -0.77 34.14 20.29
N LYS A 212 -1.58 35.11 20.70
CA LYS A 212 -2.63 34.98 21.74
C LYS A 212 -3.46 33.72 21.50
N SER A 213 -4.04 33.54 20.31
CA SER A 213 -5.10 32.54 20.02
C SER A 213 -4.52 31.19 19.60
N LEU A 214 -3.21 30.97 19.81
CA LEU A 214 -2.45 29.69 19.64
C LEU A 214 -1.70 29.31 20.92
N ASN A 215 -1.97 29.96 22.07
CA ASN A 215 -1.21 29.71 23.33
C ASN A 215 -1.55 28.32 23.80
N ILE A 216 -0.67 27.73 24.59
CA ILE A 216 -0.85 26.34 25.07
C ILE A 216 -2.21 26.30 25.75
N PRO A 217 -2.97 25.21 25.60
CA PRO A 217 -4.22 25.11 26.32
C PRO A 217 -3.96 25.18 27.84
N LYS A 218 -4.89 25.84 28.53
CA LYS A 218 -5.09 25.89 29.99
C LYS A 218 -4.90 24.51 30.62
N ASP A 219 -5.47 23.47 30.05
CA ASP A 219 -5.57 22.15 30.74
C ASP A 219 -4.23 21.41 30.68
N ILE A 220 -3.35 21.79 29.74
CA ILE A 220 -1.94 21.26 29.62
C ILE A 220 -1.12 22.02 30.66
N VAL A 221 -1.41 23.30 30.88
CA VAL A 221 -0.70 24.08 31.94
C VAL A 221 -1.07 23.49 33.32
N ASN A 222 -2.27 22.91 33.47
CA ASN A 222 -2.70 22.20 34.71
C ASN A 222 -1.85 20.92 34.83
N THR A 223 -1.79 20.09 33.80
CA THR A 223 -1.06 18.81 33.89
C THR A 223 0.39 19.07 34.28
N ILE A 224 1.02 20.10 33.68
CA ILE A 224 2.47 20.44 33.83
C ILE A 224 2.66 20.84 35.29
N THR A 225 1.84 21.77 35.74
CA THR A 225 1.91 22.34 37.09
C THR A 225 1.87 21.18 38.09
N TYR A 226 0.87 20.33 37.99
CA TYR A 226 0.58 19.25 38.95
C TYR A 226 1.78 18.31 39.06
N ASN A 227 2.39 18.01 37.92
CA ASN A 227 3.48 17.02 37.74
C ASN A 227 4.80 17.58 38.27
N LEU A 228 5.07 18.88 38.06
CA LEU A 228 6.24 19.58 38.63
C LEU A 228 6.10 19.61 40.16
N LYS A 229 4.95 20.06 40.67
CA LYS A 229 4.61 20.00 42.12
C LYS A 229 4.83 18.59 42.68
N LYS A 230 4.16 17.57 42.17
CA LYS A 230 4.32 16.13 42.56
C LYS A 230 5.80 15.84 42.88
N ASN A 231 6.77 16.33 42.09
CA ASN A 231 8.20 15.97 42.23
C ASN A 231 9.04 17.06 42.91
N ASN A 232 8.43 18.15 43.37
CA ASN A 232 9.09 19.30 44.05
C ASN A 232 9.95 20.11 43.06
N PHE A 233 9.60 20.14 41.77
CA PHE A 233 10.36 20.93 40.75
C PHE A 233 9.58 22.15 40.25
N TYR A 234 8.44 22.48 40.86
CA TYR A 234 7.59 23.64 40.48
C TYR A 234 7.99 24.85 41.33
N SER A 235 8.22 25.96 40.65
CA SER A 235 8.18 27.34 41.19
C SER A 235 7.40 28.25 40.22
N ASP A 236 7.39 29.55 40.49
CA ASP A 236 6.69 30.58 39.67
C ASP A 236 7.45 30.83 38.37
N ASP A 237 8.71 30.38 38.26
CA ASP A 237 9.60 30.52 37.06
C ASP A 237 9.53 29.28 36.13
N SER A 238 8.85 28.20 36.53
CA SER A 238 8.74 26.93 35.77
C SER A 238 8.22 27.21 34.37
N ILE A 239 7.08 27.92 34.28
CA ILE A 239 6.23 28.16 33.07
C ILE A 239 6.17 29.67 32.83
N LYS A 240 6.70 30.12 31.70
CA LYS A 240 6.78 31.54 31.29
C LYS A 240 6.19 31.61 29.88
N TYR A 241 5.47 32.68 29.56
CA TYR A 241 4.78 32.87 28.26
C TYR A 241 5.42 34.09 27.57
N PHE A 242 5.56 34.06 26.24
CA PHE A 242 6.40 35.03 25.47
C PHE A 242 5.75 35.43 24.13
N ASP A 243 5.76 36.75 23.88
CA ASP A 243 5.40 37.46 22.63
C ASP A 243 6.27 37.00 21.45
N ASN A 244 7.53 36.60 21.67
CA ASN A 244 8.65 36.79 20.69
C ASN A 244 9.82 35.83 20.96
N LEU A 245 10.77 35.71 20.03
CA LEU A 245 11.91 34.76 20.11
C LEU A 245 13.09 35.34 20.89
N GLU A 246 13.20 36.66 21.01
CA GLU A 246 14.28 37.28 21.81
C GLU A 246 14.12 36.78 23.23
N GLU A 247 12.95 37.01 23.81
CA GLU A 247 12.67 36.76 25.25
C GLU A 247 12.60 35.25 25.46
N GLY A 248 12.02 34.50 24.52
CA GLY A 248 11.65 33.09 24.69
C GLY A 248 12.83 32.14 24.62
N LEU A 249 13.84 32.45 23.82
CA LEU A 249 14.97 31.53 23.51
C LEU A 249 16.11 31.78 24.50
N GLU A 250 15.94 32.74 25.41
CA GLU A 250 16.96 33.01 26.45
C GLU A 250 17.10 31.78 27.36
N ASP A 251 18.32 31.24 27.43
CA ASP A 251 18.78 30.24 28.41
C ASP A 251 17.93 28.94 28.32
N VAL A 252 17.62 28.44 27.14
CA VAL A 252 16.93 27.12 26.99
C VAL A 252 17.93 26.13 26.40
N HIS A 253 17.87 24.87 26.82
CA HIS A 253 18.69 23.78 26.25
C HIS A 253 18.08 23.29 24.94
N ILE A 254 16.75 23.40 24.80
CA ILE A 254 15.95 22.80 23.67
C ILE A 254 15.06 23.90 23.08
N ILE A 255 15.17 24.13 21.78
CA ILE A 255 14.18 24.96 21.04
C ILE A 255 13.31 24.00 20.25
N TYR A 256 12.02 23.88 20.57
CA TYR A 256 11.08 23.01 19.83
C TYR A 256 10.16 23.84 18.95
N MET A 257 10.40 23.86 17.64
CA MET A 257 9.59 24.65 16.69
C MET A 257 8.46 23.77 16.19
N THR A 258 7.28 24.35 15.92
CA THR A 258 6.11 23.64 15.34
C THR A 258 5.71 24.26 14.01
N ARG A 259 5.15 23.46 13.10
CA ARG A 259 4.54 23.94 11.84
C ARG A 259 3.30 24.71 12.25
N ILE A 260 3.17 25.96 11.81
CA ILE A 260 1.89 26.72 11.90
C ILE A 260 0.89 26.09 10.93
N GLN A 261 -0.21 25.50 11.42
CA GLN A 261 -1.20 24.78 10.57
C GLN A 261 -2.01 25.79 9.72
N LYS A 262 -1.69 25.92 8.41
CA LYS A 262 -2.50 26.65 7.38
C LYS A 262 -3.91 26.03 7.37
N GLU A 263 -3.96 24.71 7.10
CA GLU A 263 -5.07 23.70 7.19
C GLU A 263 -5.92 23.74 8.49
N ARG A 264 -6.15 24.95 9.07
CA ARG A 264 -6.93 25.27 10.31
C ARG A 264 -6.88 26.80 10.51
N PHE A 265 -7.46 27.60 9.59
CA PHE A 265 -7.35 29.09 9.54
C PHE A 265 -8.29 29.70 8.48
N THR A 266 -9.47 30.20 8.89
CA THR A 266 -10.45 30.83 7.95
C THR A 266 -10.00 32.28 7.75
N ASP A 267 -8.98 32.47 6.91
CA ASP A 267 -8.35 33.77 6.57
C ASP A 267 -6.84 33.50 6.47
N VAL A 268 -6.24 33.74 5.30
CA VAL A 268 -4.82 33.47 4.97
C VAL A 268 -3.94 34.54 5.66
N ASP A 269 -4.44 35.79 5.73
CA ASP A 269 -3.78 36.95 6.40
C ASP A 269 -3.70 36.74 7.91
N GLU A 270 -4.63 35.95 8.48
CA GLU A 270 -4.63 35.47 9.90
C GLU A 270 -3.47 34.46 10.02
N TYR A 271 -3.34 33.57 9.03
CA TYR A 271 -2.27 32.54 8.91
C TYR A 271 -0.93 33.24 8.62
N ASN A 272 -0.92 34.19 7.67
CA ASN A 272 0.30 34.85 7.13
C ASN A 272 0.97 35.67 8.24
N GLN A 273 0.21 36.46 9.01
CA GLN A 273 0.72 37.35 10.08
C GLN A 273 1.43 36.51 11.14
N TYR A 274 0.99 35.25 11.32
CA TYR A 274 1.45 34.31 12.37
C TYR A 274 2.54 33.34 11.87
N LYS A 275 2.52 32.93 10.59
CA LYS A 275 3.55 32.01 10.03
C LYS A 275 4.89 32.75 9.86
N ASN A 276 4.91 34.10 9.82
CA ASN A 276 6.14 34.93 9.69
C ASN A 276 6.55 35.50 11.06
N ALA A 277 5.79 35.13 12.09
CA ALA A 277 5.93 35.66 13.47
C ALA A 277 7.19 35.07 14.12
N PHE A 278 7.35 33.75 14.00
CA PHE A 278 8.43 32.95 14.64
C PHE A 278 9.17 32.21 13.53
N ILE A 279 10.12 32.92 12.93
CA ILE A 279 11.10 32.43 11.93
C ILE A 279 12.46 32.37 12.64
N LEU A 280 13.10 31.18 12.62
CA LEU A 280 14.43 30.91 13.23
C LEU A 280 15.51 31.11 12.17
N SER A 281 16.43 32.07 12.39
CA SER A 281 17.65 32.31 11.56
C SER A 281 18.89 32.11 12.45
N ASN A 282 20.10 32.15 11.89
CA ASN A 282 21.35 32.07 12.69
C ASN A 282 21.52 33.31 13.58
N LYS A 283 21.10 34.47 13.08
CA LYS A 283 21.03 35.73 13.88
C LYS A 283 20.24 35.46 15.16
N THR A 284 19.02 34.93 15.05
CA THR A 284 18.12 34.74 16.22
C THR A 284 18.62 33.55 17.03
N LEU A 285 19.72 32.88 16.64
CA LEU A 285 20.41 31.81 17.44
C LEU A 285 21.69 32.34 18.09
N GLU A 286 22.17 33.53 17.69
CA GLU A 286 23.42 34.13 18.20
C GLU A 286 23.34 34.24 19.73
N ASN A 287 22.19 34.66 20.30
CA ASN A 287 22.02 34.89 21.77
C ASN A 287 21.37 33.67 22.42
N THR A 288 21.83 32.45 22.08
CA THR A 288 21.35 31.17 22.66
C THR A 288 22.56 30.47 23.29
N ARG A 289 22.30 29.52 24.21
CA ARG A 289 23.36 28.76 24.92
C ARG A 289 24.14 27.95 23.88
N ASP A 290 25.39 27.67 24.18
CA ASP A 290 26.28 27.00 23.21
C ASP A 290 25.69 25.62 22.98
N ASP A 291 25.09 25.03 24.01
CA ASP A 291 24.75 23.59 23.97
C ASP A 291 23.33 23.42 23.44
N THR A 292 22.59 24.49 23.13
CA THR A 292 21.17 24.36 22.67
C THR A 292 21.12 23.52 21.39
N LYS A 293 20.03 22.77 21.31
CA LYS A 293 19.70 21.85 20.22
C LYS A 293 18.30 22.24 19.72
N ILE A 294 18.13 22.30 18.40
CA ILE A 294 16.84 22.65 17.73
C ILE A 294 16.15 21.35 17.27
N LEU A 295 14.89 21.17 17.65
CA LEU A 295 14.00 20.06 17.25
C LEU A 295 12.81 20.67 16.51
N HIS A 296 12.34 19.97 15.47
CA HIS A 296 11.09 20.29 14.73
C HIS A 296 10.49 18.97 14.28
N PRO A 297 9.21 18.66 14.61
CA PRO A 297 8.65 17.35 14.28
C PRO A 297 8.50 17.17 12.76
N LEU A 298 8.68 18.25 11.99
CA LEU A 298 8.58 18.29 10.52
C LEU A 298 7.19 17.82 10.12
N PRO A 299 6.66 18.24 8.96
CA PRO A 299 7.39 19.04 7.98
C PRO A 299 7.60 20.46 8.49
N ARG A 300 8.35 21.27 7.74
CA ARG A 300 8.53 22.69 8.09
C ARG A 300 8.24 23.50 6.82
N VAL A 301 7.78 24.74 6.99
CA VAL A 301 7.58 25.78 5.93
C VAL A 301 8.55 26.93 6.24
N ASN A 302 8.06 28.13 6.56
CA ASN A 302 8.87 29.31 6.92
C ASN A 302 9.63 29.10 8.26
N GLU A 303 9.13 28.26 9.17
CA GLU A 303 9.52 28.33 10.62
C GLU A 303 11.03 28.39 10.81
N ILE A 304 11.80 27.56 10.09
CA ILE A 304 13.30 27.47 10.19
C ILE A 304 13.93 27.73 8.81
N LYS A 305 14.74 28.79 8.70
CA LYS A 305 15.52 29.13 7.48
C LYS A 305 16.54 28.02 7.20
N VAL A 306 16.61 27.59 5.94
CA VAL A 306 17.59 26.61 5.40
C VAL A 306 19.02 26.84 5.97
N GLU A 307 19.49 28.07 6.18
CA GLU A 307 20.86 28.36 6.72
C GLU A 307 21.14 27.61 8.04
N VAL A 308 20.12 27.23 8.80
CA VAL A 308 20.22 26.68 10.18
C VAL A 308 20.48 25.17 10.10
N ASP A 309 20.27 24.57 8.94
CA ASP A 309 20.64 23.16 8.69
C ASP A 309 22.12 22.94 8.97
N SER A 310 22.96 23.84 8.47
CA SER A 310 24.44 23.84 8.57
C SER A 310 24.91 24.21 9.97
N ASN A 311 24.01 24.62 10.86
CA ASN A 311 24.30 24.91 12.29
C ASN A 311 24.38 23.59 13.06
N PRO A 312 25.42 23.41 13.92
CA PRO A 312 25.51 22.19 14.74
C PRO A 312 24.53 22.22 15.93
N LYS A 313 23.81 23.33 16.06
CA LYS A 313 22.59 23.40 16.91
C LYS A 313 21.37 22.69 16.30
N SER A 314 21.28 22.52 14.98
CA SER A 314 20.14 21.87 14.28
C SER A 314 20.25 20.34 14.40
N VAL A 315 19.24 19.64 14.95
CA VAL A 315 19.23 18.15 15.04
C VAL A 315 17.94 17.55 14.48
N TYR A 316 17.11 18.31 13.77
CA TYR A 316 15.73 17.86 13.42
C TYR A 316 15.82 16.69 12.44
N PHE A 317 16.87 16.59 11.64
CA PHE A 317 17.05 15.45 10.70
C PHE A 317 17.38 14.17 11.49
N THR A 318 18.23 14.30 12.52
CA THR A 318 18.59 13.24 13.49
C THR A 318 17.35 12.80 14.28
N GLN A 319 16.49 13.77 14.62
CA GLN A 319 15.21 13.56 15.34
C GLN A 319 14.33 12.64 14.46
N ALA A 320 14.27 12.92 13.15
CA ALA A 320 13.38 12.17 12.24
C ALA A 320 13.87 10.72 12.20
N GLU A 321 15.16 10.54 11.87
CA GLU A 321 15.91 9.26 11.87
C GLU A 321 15.60 8.51 13.17
N ASN A 322 15.69 9.19 14.31
CA ASN A 322 15.51 8.56 15.64
C ASN A 322 14.12 7.91 15.70
N GLY A 323 13.15 8.46 14.99
CA GLY A 323 11.77 7.92 14.99
C GLY A 323 11.71 6.50 14.45
N LEU A 324 12.57 6.16 13.49
CA LEU A 324 12.65 4.75 13.04
C LEU A 324 13.03 3.88 14.24
N TYR A 325 14.07 4.23 14.98
CA TYR A 325 14.58 3.37 16.07
C TYR A 325 13.52 3.28 17.16
N VAL A 326 12.80 4.37 17.42
CA VAL A 326 11.81 4.38 18.54
C VAL A 326 10.58 3.58 18.16
N ARG A 327 10.13 3.63 16.89
CA ARG A 327 8.91 2.89 16.46
C ARG A 327 9.25 1.40 16.38
N MET A 328 10.41 1.03 15.87
CA MET A 328 10.88 -0.37 15.99
C MET A 328 10.85 -0.83 17.45
N ALA A 329 11.33 0.00 18.38
CA ALA A 329 11.37 -0.31 19.83
C ALA A 329 9.95 -0.50 20.37
N LEU A 330 9.04 0.43 20.09
CA LEU A 330 7.66 0.39 20.66
C LEU A 330 6.94 -0.86 20.12
N LEU A 331 7.07 -1.10 18.81
CA LEU A 331 6.44 -2.26 18.17
C LEU A 331 6.99 -3.54 18.78
N TYR A 332 8.29 -3.68 18.96
CA TYR A 332 8.91 -4.93 19.48
C TYR A 332 8.38 -5.20 20.90
N LEU A 333 8.44 -4.22 21.77
CA LEU A 333 8.06 -4.39 23.19
C LEU A 333 6.55 -4.73 23.28
N ILE A 334 5.71 -4.18 22.42
CA ILE A 334 4.24 -4.39 22.57
C ILE A 334 3.84 -5.76 21.97
N PHE A 335 4.49 -6.21 20.88
CA PHE A 335 3.93 -7.27 20.00
C PHE A 335 4.77 -8.56 19.98
N SER A 336 5.95 -8.71 20.62
CA SER A 336 6.67 -10.03 20.62
C SER A 336 5.77 -11.11 21.25
N SER A 337 6.13 -12.40 21.22
CA SER A 337 5.26 -13.48 21.78
C SER A 337 5.81 -14.06 23.10
N THR A 338 5.39 -15.28 23.47
CA THR A 338 6.08 -16.25 24.39
C THR A 338 7.45 -15.68 24.82
N ASP B 11 -10.65 -36.21 -1.11
CA ASP B 11 -9.21 -36.41 -1.51
C ASP B 11 -8.64 -35.06 -1.99
N LEU B 12 -7.75 -34.46 -1.18
CA LEU B 12 -7.25 -33.06 -1.34
C LEU B 12 -6.59 -32.89 -2.71
N ASP B 13 -5.71 -33.82 -3.09
CA ASP B 13 -4.75 -33.65 -4.22
C ASP B 13 -5.46 -33.81 -5.58
N LYS B 14 -6.51 -34.63 -5.68
CA LYS B 14 -7.35 -34.75 -6.92
C LYS B 14 -7.99 -33.37 -7.16
N ILE B 15 -8.63 -32.84 -6.10
CA ILE B 15 -9.40 -31.56 -6.10
C ILE B 15 -8.47 -30.40 -6.39
N MET B 16 -7.34 -30.29 -5.68
CA MET B 16 -6.31 -29.26 -5.96
C MET B 16 -6.03 -29.26 -7.48
N THR B 17 -5.50 -30.35 -8.06
CA THR B 17 -5.07 -30.40 -9.48
C THR B 17 -6.13 -29.79 -10.41
N LYS B 18 -7.40 -30.05 -10.12
CA LYS B 18 -8.60 -29.51 -10.84
C LYS B 18 -8.72 -28.01 -10.57
N MET B 19 -8.31 -27.56 -9.37
CA MET B 19 -8.42 -26.15 -8.88
C MET B 19 -7.19 -25.31 -9.30
N LYS B 20 -5.98 -25.89 -9.38
CA LYS B 20 -4.73 -25.15 -9.76
C LYS B 20 -5.06 -24.27 -10.98
N ASN B 21 -4.73 -22.99 -10.89
CA ASN B 21 -4.83 -21.96 -11.97
C ASN B 21 -6.29 -21.69 -12.38
N LYS B 22 -7.24 -22.03 -11.50
CA LYS B 22 -8.69 -21.75 -11.62
C LYS B 22 -8.99 -20.29 -11.30
N SER B 23 -9.66 -19.54 -12.18
CA SER B 23 -10.38 -18.28 -11.81
C SER B 23 -11.65 -18.65 -11.04
N VAL B 24 -12.12 -17.74 -10.17
CA VAL B 24 -13.42 -17.85 -9.44
C VAL B 24 -14.21 -16.54 -9.58
N ILE B 25 -15.21 -16.48 -10.49
CA ILE B 25 -15.97 -15.25 -10.84
C ILE B 25 -17.40 -15.33 -10.29
N ASN B 26 -18.00 -16.53 -10.35
CA ASN B 26 -19.44 -16.80 -10.06
C ASN B 26 -19.46 -17.94 -9.05
N ILE B 27 -20.41 -17.95 -8.11
CA ILE B 27 -20.47 -19.10 -7.17
C ILE B 27 -20.63 -20.40 -7.99
N ASP B 28 -21.41 -20.42 -9.08
CA ASP B 28 -21.59 -21.63 -9.95
C ASP B 28 -20.24 -22.15 -10.48
N ASP B 29 -19.13 -21.40 -10.40
CA ASP B 29 -17.79 -21.89 -10.83
C ASP B 29 -17.23 -22.91 -9.83
N VAL B 30 -17.82 -23.03 -8.64
CA VAL B 30 -17.36 -23.94 -7.55
C VAL B 30 -18.32 -25.13 -7.47
N ASP B 31 -17.84 -26.36 -7.71
CA ASP B 31 -18.68 -27.59 -7.70
C ASP B 31 -18.62 -28.15 -6.26
N ASP B 32 -19.27 -29.29 -6.00
CA ASP B 32 -19.51 -29.78 -4.62
C ASP B 32 -18.16 -30.16 -4.00
N GLU B 33 -17.30 -30.77 -4.79
CA GLU B 33 -16.02 -31.35 -4.30
C GLU B 33 -15.01 -30.19 -4.07
N GLU B 34 -15.17 -29.08 -4.81
CA GLU B 34 -14.36 -27.85 -4.65
C GLU B 34 -14.76 -27.15 -3.35
N LEU B 35 -16.07 -27.01 -3.16
CA LEU B 35 -16.65 -26.54 -1.88
C LEU B 35 -16.10 -27.39 -0.72
N LEU B 36 -16.09 -28.71 -0.85
CA LEU B 36 -15.61 -29.61 0.24
C LEU B 36 -14.16 -29.27 0.59
N ALA B 37 -13.30 -29.15 -0.42
CA ALA B 37 -11.87 -28.83 -0.25
C ALA B 37 -11.73 -27.44 0.41
N ILE B 38 -12.41 -26.44 -0.13
CA ILE B 38 -12.39 -25.05 0.42
C ILE B 38 -12.74 -25.11 1.92
N LEU B 39 -13.80 -25.84 2.33
CA LEU B 39 -14.30 -25.83 3.73
C LEU B 39 -13.35 -26.65 4.59
N TYR B 40 -12.86 -27.77 4.06
CA TYR B 40 -11.84 -28.56 4.80
C TYR B 40 -10.58 -27.69 5.06
N THR B 41 -10.08 -26.91 4.08
CA THR B 41 -8.85 -26.06 4.19
C THR B 41 -9.05 -24.79 5.05
N SER B 42 -10.15 -24.04 4.88
CA SER B 42 -10.59 -22.89 5.72
C SER B 42 -10.48 -23.21 7.23
N LYS B 43 -11.01 -24.37 7.61
CA LYS B 43 -10.94 -24.97 8.98
C LYS B 43 -9.50 -25.29 9.35
N GLN B 44 -8.69 -25.73 8.40
CA GLN B 44 -7.28 -26.07 8.71
C GLN B 44 -6.62 -24.78 9.17
N PHE B 45 -6.85 -23.69 8.42
CA PHE B 45 -6.23 -22.34 8.66
C PHE B 45 -6.79 -21.76 9.96
N GLU B 46 -8.11 -21.87 10.19
CA GLU B 46 -8.73 -21.42 11.46
C GLU B 46 -7.98 -22.10 12.62
N LYS B 47 -7.74 -23.41 12.53
CA LYS B 47 -7.04 -24.19 13.60
C LYS B 47 -5.68 -23.55 13.88
N ILE B 48 -4.93 -23.30 12.79
CA ILE B 48 -3.51 -22.83 12.81
C ILE B 48 -3.42 -21.44 13.46
N LEU B 49 -4.21 -20.47 12.96
CA LEU B 49 -4.19 -19.04 13.42
C LEU B 49 -4.67 -18.95 14.87
N LYS B 50 -5.69 -19.73 15.21
CA LYS B 50 -6.21 -19.73 16.59
C LYS B 50 -5.10 -20.16 17.56
N ASN B 51 -4.28 -21.19 17.28
CA ASN B 51 -3.19 -21.67 18.20
C ASN B 51 -1.83 -21.00 17.94
N ASN B 52 -1.79 -19.93 17.13
CA ASN B 52 -0.56 -19.13 16.88
C ASN B 52 0.58 -20.02 16.34
N GLU B 53 0.24 -21.10 15.62
CA GLU B 53 1.17 -21.92 14.80
C GLU B 53 1.57 -21.16 13.52
N ASP B 54 2.72 -21.51 12.92
CA ASP B 54 3.19 -20.99 11.60
C ASP B 54 2.08 -21.21 10.55
N SER B 55 1.73 -20.19 9.75
CA SER B 55 0.63 -20.20 8.76
C SER B 55 1.17 -20.00 7.34
N LYS B 56 2.48 -20.03 7.16
CA LYS B 56 3.14 -19.54 5.93
C LYS B 56 3.12 -20.63 4.85
N TYR B 57 1.96 -21.15 4.45
CA TYR B 57 1.84 -22.31 3.54
C TYR B 57 1.65 -21.89 2.09
N LEU B 58 2.06 -20.69 1.65
CA LEU B 58 2.05 -20.24 0.22
C LEU B 58 3.09 -19.12 0.06
N GLU B 59 4.35 -19.44 0.33
CA GLU B 59 5.45 -18.46 0.29
C GLU B 59 5.67 -18.02 -1.15
N ASN B 60 6.20 -16.80 -1.30
CA ASN B 60 6.98 -16.31 -2.46
C ASN B 60 6.12 -16.34 -3.72
N LYS B 61 4.93 -15.77 -3.65
CA LYS B 61 3.94 -15.62 -4.76
C LYS B 61 3.61 -14.13 -4.79
N VAL B 62 3.33 -13.54 -5.95
CA VAL B 62 2.99 -12.10 -6.00
C VAL B 62 1.59 -11.95 -6.61
N PHE B 63 0.70 -11.23 -5.93
CA PHE B 63 -0.70 -10.94 -6.34
C PHE B 63 -0.85 -9.45 -6.58
N CYS B 64 -1.72 -9.05 -7.49
CA CYS B 64 -2.23 -7.66 -7.59
C CYS B 64 -3.69 -7.61 -7.10
N SER B 65 -4.04 -6.68 -6.21
CA SER B 65 -5.46 -6.35 -5.84
C SER B 65 -5.88 -5.09 -6.58
N VAL B 66 -6.76 -5.21 -7.54
CA VAL B 66 -7.39 -4.05 -8.21
C VAL B 66 -8.75 -3.85 -7.53
N PHE B 67 -8.91 -2.79 -6.77
CA PHE B 67 -10.21 -2.35 -6.22
C PHE B 67 -10.59 -1.00 -6.85
N LEU B 68 -11.64 -0.98 -7.68
CA LEU B 68 -12.13 0.25 -8.36
C LEU B 68 -13.47 0.65 -7.72
N GLU B 69 -13.65 0.30 -6.45
CA GLU B 69 -14.63 0.97 -5.56
C GLU B 69 -14.24 0.75 -4.11
N PRO B 70 -14.75 1.60 -3.19
CA PRO B 70 -14.66 1.34 -1.76
C PRO B 70 -15.30 -0.01 -1.40
N SER B 71 -14.50 -0.92 -0.81
CA SER B 71 -14.91 -2.24 -0.29
C SER B 71 -13.87 -2.69 0.76
N THR B 72 -13.68 -1.86 1.79
CA THR B 72 -12.38 -1.74 2.51
C THR B 72 -12.13 -3.02 3.36
N ALA B 73 -13.08 -3.46 4.16
CA ALA B 73 -13.07 -4.81 4.79
C ALA B 73 -12.56 -5.91 3.82
N THR B 74 -13.27 -6.14 2.70
CA THR B 74 -13.01 -7.23 1.69
C THR B 74 -11.56 -7.07 1.21
N ARG B 75 -11.19 -5.87 0.80
CA ARG B 75 -9.82 -5.61 0.27
C ARG B 75 -8.84 -5.97 1.40
N CYS B 76 -9.16 -5.60 2.64
CA CYS B 76 -8.27 -5.78 3.82
C CYS B 76 -8.22 -7.27 4.15
N SER B 77 -9.31 -7.98 3.96
CA SER B 77 -9.32 -9.41 4.31
C SER B 77 -8.38 -10.16 3.36
N PHE B 78 -8.56 -9.99 2.05
CA PHE B 78 -7.71 -10.57 0.98
C PHE B 78 -6.21 -10.26 1.21
N ASP B 79 -5.86 -8.99 1.45
CA ASP B 79 -4.46 -8.56 1.73
C ASP B 79 -3.91 -9.35 2.93
N ALA B 80 -4.69 -9.46 4.01
CA ALA B 80 -4.27 -10.16 5.26
C ALA B 80 -4.10 -11.64 4.96
N ALA B 81 -5.01 -12.22 4.15
CA ALA B 81 -4.92 -13.65 3.74
C ALA B 81 -3.58 -13.86 3.01
N ILE B 82 -3.35 -13.12 1.93
CA ILE B 82 -2.06 -13.10 1.17
C ILE B 82 -0.88 -12.95 2.15
N LEU B 83 -0.92 -11.99 3.05
CA LEU B 83 0.29 -11.79 3.90
C LEU B 83 0.44 -12.98 4.87
N LYS B 84 -0.64 -13.43 5.55
CA LYS B 84 -0.58 -14.52 6.58
C LYS B 84 -0.06 -15.80 5.92
N LEU B 85 -0.41 -16.03 4.65
CA LEU B 85 -0.01 -17.22 3.86
C LEU B 85 1.51 -17.18 3.58
N GLY B 86 2.11 -15.98 3.58
CA GLY B 86 3.55 -15.77 3.32
C GLY B 86 3.85 -15.20 1.94
N SER B 87 2.84 -14.84 1.15
CA SER B 87 2.94 -14.15 -0.16
C SER B 87 2.92 -12.64 0.05
N LYS B 88 3.07 -11.90 -1.04
CA LYS B 88 3.16 -10.42 -1.12
C LYS B 88 2.08 -9.97 -2.09
N VAL B 89 1.69 -8.72 -2.03
CA VAL B 89 0.55 -8.16 -2.78
C VAL B 89 0.90 -6.71 -3.12
N LEU B 90 0.68 -6.27 -4.36
CA LEU B 90 0.62 -4.83 -4.73
C LEU B 90 -0.83 -4.47 -5.06
N ASN B 91 -1.23 -3.21 -4.86
CA ASN B 91 -2.64 -2.75 -4.69
C ASN B 91 -2.94 -1.61 -5.64
N ILE B 92 -4.07 -1.64 -6.35
CA ILE B 92 -4.55 -0.50 -7.19
C ILE B 92 -5.94 -0.06 -6.68
N THR B 93 -6.21 1.25 -6.66
CA THR B 93 -7.26 1.93 -5.87
C THR B 93 -7.84 3.10 -6.72
N ASP B 94 -9.11 3.03 -7.14
CA ASP B 94 -9.95 4.19 -7.59
C ASP B 94 -11.41 3.93 -7.20
N THR B 105 -7.89 0.71 -22.62
CA THR B 105 -8.94 -0.34 -22.55
C THR B 105 -8.59 -1.30 -21.41
N VAL B 106 -9.62 -1.93 -20.81
CA VAL B 106 -9.45 -2.87 -19.65
C VAL B 106 -8.61 -4.08 -20.12
N GLU B 107 -8.87 -4.61 -21.32
CA GLU B 107 -8.18 -5.86 -21.79
C GLU B 107 -6.68 -5.61 -21.93
N ASP B 108 -6.25 -4.38 -22.26
CA ASP B 108 -4.80 -4.04 -22.28
C ASP B 108 -4.31 -4.13 -20.85
N ALA B 109 -4.98 -3.39 -19.95
CA ALA B 109 -4.64 -3.30 -18.51
C ALA B 109 -4.24 -4.67 -18.00
N PHE B 110 -4.98 -5.74 -18.34
CA PHE B 110 -4.88 -7.04 -17.63
C PHE B 110 -3.86 -7.98 -18.29
N LYS B 111 -3.72 -7.92 -19.61
CA LYS B 111 -2.60 -8.55 -20.39
C LYS B 111 -1.26 -8.15 -19.73
N ILE B 112 -1.00 -6.85 -19.58
CA ILE B 112 0.24 -6.31 -18.94
C ILE B 112 0.30 -6.82 -17.47
N LEU B 113 -0.64 -6.35 -16.65
CA LEU B 113 -0.66 -6.57 -15.19
C LEU B 113 -0.36 -8.04 -14.84
N SER B 114 -0.74 -8.98 -15.74
CA SER B 114 -0.74 -10.43 -15.45
C SER B 114 0.59 -11.10 -15.83
N THR B 115 1.50 -10.38 -16.49
CA THR B 115 2.90 -10.86 -16.73
C THR B 115 3.76 -10.62 -15.46
N TYR B 116 3.36 -9.66 -14.63
CA TYR B 116 4.10 -9.14 -13.46
C TYR B 116 3.83 -9.98 -12.22
N VAL B 117 2.68 -10.65 -12.17
CA VAL B 117 2.09 -11.26 -10.93
C VAL B 117 1.60 -12.67 -11.20
N ASP B 118 1.25 -13.36 -10.12
CA ASP B 118 0.79 -14.78 -10.12
C ASP B 118 -0.74 -14.86 -10.17
N GLY B 119 -1.43 -13.82 -9.72
CA GLY B 119 -2.87 -13.86 -9.46
C GLY B 119 -3.41 -12.45 -9.33
N ILE B 120 -4.69 -12.24 -9.63
CA ILE B 120 -5.37 -10.93 -9.42
C ILE B 120 -6.67 -11.13 -8.60
N ILE B 121 -6.89 -10.27 -7.63
CA ILE B 121 -8.18 -10.10 -6.93
C ILE B 121 -8.75 -8.82 -7.51
N TYR B 122 -9.88 -8.92 -8.19
CA TYR B 122 -10.50 -7.78 -8.91
C TYR B 122 -11.84 -7.44 -8.24
N ARG B 123 -12.08 -6.18 -7.97
CA ARG B 123 -13.44 -5.70 -7.63
C ARG B 123 -13.77 -4.49 -8.48
N ASP B 124 -14.93 -4.50 -9.15
CA ASP B 124 -15.39 -3.43 -10.09
C ASP B 124 -16.93 -3.40 -10.04
N PRO B 125 -17.57 -2.24 -9.80
CA PRO B 125 -19.02 -2.15 -9.85
C PRO B 125 -19.55 -2.44 -11.26
N SER B 126 -18.70 -2.30 -12.28
CA SER B 126 -19.02 -2.66 -13.69
C SER B 126 -19.35 -4.16 -13.74
N LYS B 127 -20.47 -4.47 -14.37
CA LYS B 127 -20.87 -5.82 -14.87
C LYS B 127 -19.80 -6.28 -15.88
N LYS B 128 -19.54 -5.41 -16.87
CA LYS B 128 -18.86 -5.71 -18.17
C LYS B 128 -17.34 -5.91 -18.00
N ASN B 129 -16.69 -5.40 -16.95
CA ASN B 129 -15.20 -5.26 -16.92
C ASN B 129 -14.52 -6.56 -16.45
N VAL B 130 -15.24 -7.38 -15.69
CA VAL B 130 -14.70 -8.58 -14.99
C VAL B 130 -14.65 -9.75 -15.98
N ASP B 131 -15.65 -9.85 -16.84
CA ASP B 131 -15.68 -10.87 -17.92
C ASP B 131 -14.46 -10.59 -18.82
N ILE B 132 -14.26 -9.32 -19.19
CA ILE B 132 -13.16 -8.82 -20.08
C ILE B 132 -11.78 -9.14 -19.47
N ALA B 133 -11.57 -8.77 -18.19
CA ALA B 133 -10.35 -9.09 -17.40
C ALA B 133 -10.01 -10.59 -17.49
N VAL B 134 -11.00 -11.48 -17.25
CA VAL B 134 -10.78 -12.96 -17.19
C VAL B 134 -10.24 -13.48 -18.53
N SER B 135 -10.66 -12.87 -19.63
CA SER B 135 -10.34 -13.31 -21.01
C SER B 135 -8.97 -12.74 -21.45
N SER B 136 -8.49 -11.65 -20.90
CA SER B 136 -7.19 -11.08 -21.32
C SER B 136 -6.10 -11.45 -20.32
N SER B 137 -6.47 -11.89 -19.11
CA SER B 137 -5.51 -12.26 -18.05
C SER B 137 -4.88 -13.62 -18.36
N SER B 138 -3.53 -13.69 -18.39
CA SER B 138 -2.74 -14.95 -18.43
C SER B 138 -2.70 -15.63 -17.03
N LYS B 139 -3.36 -15.05 -16.02
CA LYS B 139 -3.30 -15.53 -14.62
C LYS B 139 -4.70 -15.61 -14.02
N PRO B 140 -4.94 -16.56 -13.10
CA PRO B 140 -6.23 -16.68 -12.44
C PRO B 140 -6.68 -15.35 -11.82
N ILE B 141 -7.92 -14.94 -12.05
CA ILE B 141 -8.60 -13.84 -11.31
C ILE B 141 -9.56 -14.43 -10.25
N ILE B 142 -9.63 -13.81 -9.05
CA ILE B 142 -10.68 -14.08 -8.02
C ILE B 142 -11.57 -12.83 -7.92
N ASN B 143 -12.85 -12.95 -8.28
CA ASN B 143 -13.89 -11.87 -8.17
C ASN B 143 -14.01 -11.53 -6.68
N ALA B 144 -13.98 -10.25 -6.31
CA ALA B 144 -14.11 -9.80 -4.91
C ALA B 144 -15.37 -8.95 -4.75
N GLY B 145 -16.27 -9.06 -5.74
CA GLY B 145 -17.54 -8.32 -5.89
C GLY B 145 -17.61 -7.72 -7.26
N ASN B 146 -18.72 -7.85 -8.01
CA ASN B 146 -18.83 -7.16 -9.33
C ASN B 146 -20.25 -6.63 -9.57
N GLY B 147 -20.55 -6.30 -10.82
CA GLY B 147 -21.81 -5.66 -11.29
C GLY B 147 -22.95 -6.64 -11.47
N THR B 148 -22.67 -7.90 -11.87
CA THR B 148 -23.64 -9.03 -11.96
C THR B 148 -24.12 -9.51 -10.58
N GLY B 149 -23.74 -8.85 -9.48
CA GLY B 149 -24.12 -9.21 -8.10
C GLY B 149 -23.41 -10.46 -7.57
N GLU B 150 -22.46 -11.05 -8.31
CA GLU B 150 -21.70 -12.22 -7.81
C GLU B 150 -20.56 -11.74 -6.85
N HIS B 151 -20.40 -12.47 -5.76
CA HIS B 151 -19.40 -12.22 -4.69
C HIS B 151 -19.12 -13.58 -4.04
N PRO B 152 -18.44 -14.47 -4.77
CA PRO B 152 -18.36 -15.85 -4.40
C PRO B 152 -17.67 -16.08 -3.06
N THR B 153 -16.69 -15.25 -2.70
CA THR B 153 -15.92 -15.49 -1.44
C THR B 153 -16.78 -15.07 -0.23
N GLN B 154 -17.70 -14.10 -0.40
CA GLN B 154 -18.74 -13.80 0.63
C GLN B 154 -19.62 -15.03 0.86
N SER B 155 -20.18 -15.56 -0.23
CA SER B 155 -21.01 -16.79 -0.26
C SER B 155 -20.27 -17.93 0.42
N LEU B 156 -19.01 -18.19 0.05
CA LEU B 156 -18.21 -19.29 0.65
C LEU B 156 -17.97 -19.05 2.16
N LEU B 157 -17.65 -17.83 2.60
CA LEU B 157 -17.45 -17.61 4.06
C LEU B 157 -18.81 -17.66 4.78
N ASP B 158 -19.88 -17.18 4.15
CA ASP B 158 -21.26 -17.29 4.71
C ASP B 158 -21.52 -18.79 4.93
N PHE B 159 -21.17 -19.59 3.93
CA PHE B 159 -21.51 -21.03 3.88
C PHE B 159 -20.65 -21.73 4.93
N TYR B 160 -19.42 -21.28 5.09
CA TYR B 160 -18.47 -21.87 6.08
C TYR B 160 -18.99 -21.54 7.49
N THR B 161 -19.68 -20.42 7.63
CA THR B 161 -20.13 -19.94 8.96
C THR B 161 -21.28 -20.84 9.38
N ILE B 162 -22.21 -21.02 8.48
CA ILE B 162 -23.33 -22.02 8.66
C ILE B 162 -22.73 -23.39 8.98
N HIS B 163 -21.76 -23.88 8.22
CA HIS B 163 -21.22 -25.25 8.40
C HIS B 163 -20.56 -25.41 9.78
N ASN B 164 -20.00 -24.33 10.32
CA ASN B 164 -19.39 -24.33 11.68
C ASN B 164 -20.45 -24.80 12.67
N TYR B 165 -21.64 -24.18 12.63
CA TYR B 165 -22.78 -24.38 13.57
C TYR B 165 -23.77 -25.49 13.13
N PHE B 166 -23.76 -25.98 11.88
CA PHE B 166 -24.66 -27.04 11.40
C PHE B 166 -23.92 -27.92 10.40
N PRO B 167 -22.99 -28.76 10.89
CA PRO B 167 -22.16 -29.60 10.03
C PRO B 167 -22.90 -30.35 8.91
N PHE B 168 -24.20 -30.55 9.11
CA PHE B 168 -25.05 -31.45 8.28
C PHE B 168 -25.44 -30.85 6.92
N ILE B 169 -25.30 -29.54 6.64
CA ILE B 169 -25.69 -29.00 5.28
C ILE B 169 -24.96 -29.83 4.23
N LEU B 170 -23.80 -30.39 4.55
CA LEU B 170 -22.98 -31.10 3.53
C LEU B 170 -23.53 -32.51 3.28
N ASP B 171 -24.17 -33.11 4.27
CA ASP B 171 -24.50 -34.56 4.29
C ASP B 171 -25.49 -34.90 3.18
N ARG B 172 -26.29 -33.93 2.76
CA ARG B 172 -27.40 -34.12 1.80
C ARG B 172 -28.23 -35.29 2.33
N ASN B 173 -28.44 -35.26 3.65
CA ASN B 173 -29.28 -36.21 4.42
C ASN B 173 -30.73 -35.70 4.36
N ILE B 174 -31.62 -36.50 3.77
CA ILE B 174 -33.08 -36.22 3.68
C ILE B 174 -33.65 -35.95 5.09
N ASN B 175 -33.04 -36.53 6.12
CA ASN B 175 -33.53 -36.43 7.52
C ASN B 175 -33.02 -35.16 8.19
N LYS B 176 -31.87 -34.63 7.78
CA LYS B 176 -31.27 -33.43 8.42
C LYS B 176 -31.37 -32.24 7.46
N LYS B 177 -32.46 -31.47 7.59
CA LYS B 177 -32.80 -30.28 6.77
C LYS B 177 -32.38 -29.02 7.53
N LEU B 178 -31.59 -28.14 6.90
CA LEU B 178 -31.33 -26.78 7.45
C LEU B 178 -32.42 -25.79 7.03
N ASN B 179 -32.77 -24.87 7.93
CA ASN B 179 -33.83 -23.87 7.70
C ASN B 179 -33.23 -22.50 7.92
N ILE B 180 -33.43 -21.59 6.97
CA ILE B 180 -32.73 -20.28 7.00
C ILE B 180 -33.80 -19.23 6.77
N ALA B 181 -33.78 -18.12 7.52
CA ALA B 181 -34.55 -16.91 7.19
C ALA B 181 -33.62 -15.89 6.53
N PHE B 182 -33.99 -15.33 5.39
CA PHE B 182 -33.31 -14.15 4.78
C PHE B 182 -34.23 -12.98 5.05
N VAL B 183 -33.70 -11.81 5.42
CA VAL B 183 -34.50 -10.63 5.85
C VAL B 183 -33.96 -9.34 5.26
N GLY B 184 -34.89 -8.50 4.80
CA GLY B 184 -34.66 -7.08 4.49
C GLY B 184 -34.85 -6.79 3.03
N ASP B 185 -33.78 -6.38 2.36
CA ASP B 185 -33.78 -5.95 0.93
C ASP B 185 -33.28 -7.18 0.16
N LEU B 186 -34.22 -8.09 -0.10
CA LEU B 186 -33.98 -9.38 -0.79
C LEU B 186 -33.94 -9.10 -2.29
N LYS B 187 -34.67 -8.06 -2.73
CA LYS B 187 -34.66 -7.53 -4.10
C LYS B 187 -33.22 -7.18 -4.50
N ASN B 188 -32.58 -6.21 -3.84
CA ASN B 188 -31.22 -5.74 -4.26
C ASN B 188 -30.13 -6.58 -3.57
N GLY B 189 -30.41 -7.26 -2.43
CA GLY B 189 -29.45 -8.08 -1.65
C GLY B 189 -28.70 -9.14 -2.46
N ARG B 190 -27.65 -8.76 -3.16
CA ARG B 190 -26.88 -9.63 -4.09
C ARG B 190 -26.27 -10.82 -3.31
N THR B 191 -25.90 -10.65 -2.04
CA THR B 191 -25.26 -11.70 -1.19
C THR B 191 -26.27 -12.79 -0.90
N VAL B 192 -27.54 -12.40 -0.87
CA VAL B 192 -28.67 -13.30 -0.55
C VAL B 192 -28.89 -14.21 -1.75
N HIS B 193 -28.89 -13.61 -2.92
CA HIS B 193 -29.10 -14.28 -4.23
C HIS B 193 -28.04 -15.36 -4.36
N SER B 194 -26.81 -14.95 -4.11
CA SER B 194 -25.62 -15.80 -4.27
C SER B 194 -25.73 -16.97 -3.28
N LEU B 195 -26.07 -16.66 -2.03
CA LEU B 195 -25.99 -17.68 -0.97
C LEU B 195 -27.16 -18.66 -1.10
N SER B 196 -28.37 -18.17 -1.43
CA SER B 196 -29.56 -18.97 -1.82
C SER B 196 -29.14 -20.04 -2.82
N LYS B 197 -28.54 -19.61 -3.94
CA LYS B 197 -28.11 -20.50 -5.06
C LYS B 197 -27.32 -21.64 -4.44
N LEU B 198 -26.31 -21.31 -3.66
CA LEU B 198 -25.35 -22.27 -3.06
C LEU B 198 -26.11 -23.16 -2.06
N LEU B 199 -26.94 -22.57 -1.22
CA LEU B 199 -27.69 -23.33 -0.18
C LEU B 199 -28.67 -24.29 -0.85
N SER B 200 -29.29 -23.94 -1.99
CA SER B 200 -30.31 -24.81 -2.62
C SER B 200 -29.67 -26.04 -3.26
N ARG B 201 -28.34 -26.09 -3.22
CA ARG B 201 -27.56 -27.32 -3.60
C ARG B 201 -27.75 -28.40 -2.53
N TYR B 202 -28.34 -28.09 -1.37
CA TYR B 202 -28.32 -28.98 -0.19
C TYR B 202 -29.77 -29.10 0.35
N ASN B 203 -29.98 -29.92 1.39
CA ASN B 203 -31.33 -30.09 2.00
C ASN B 203 -31.61 -28.84 2.84
N VAL B 204 -32.22 -27.85 2.22
CA VAL B 204 -32.40 -26.52 2.86
C VAL B 204 -33.77 -25.99 2.50
N SER B 205 -34.42 -25.31 3.44
CA SER B 205 -35.73 -24.66 3.19
C SER B 205 -35.61 -23.20 3.61
N PHE B 206 -36.39 -22.33 2.96
CA PHE B 206 -36.16 -20.88 2.89
C PHE B 206 -37.38 -20.07 3.30
N ASN B 207 -37.24 -19.30 4.38
CA ASN B 207 -38.20 -18.22 4.75
C ASN B 207 -37.61 -16.90 4.25
N PHE B 208 -38.32 -16.28 3.29
CA PHE B 208 -38.01 -14.94 2.71
C PHE B 208 -38.91 -13.91 3.39
N VAL B 209 -38.30 -13.02 4.18
CA VAL B 209 -38.96 -11.99 5.04
C VAL B 209 -38.69 -10.60 4.45
N SER B 210 -39.73 -9.89 4.00
CA SER B 210 -39.63 -8.56 3.36
C SER B 210 -41.03 -7.95 3.24
N CYS B 211 -41.12 -6.69 2.78
CA CYS B 211 -42.38 -6.08 2.27
C CYS B 211 -42.41 -6.34 0.77
N LYS B 212 -43.62 -6.44 0.21
CA LYS B 212 -43.94 -6.97 -1.15
C LYS B 212 -42.87 -6.51 -2.15
N SER B 213 -42.82 -5.24 -2.50
CA SER B 213 -41.96 -4.71 -3.59
C SER B 213 -40.47 -4.71 -3.21
N LEU B 214 -40.06 -5.27 -2.05
CA LEU B 214 -38.64 -5.62 -1.75
C LEU B 214 -38.48 -7.14 -1.55
N ASN B 215 -39.38 -7.93 -2.15
CA ASN B 215 -39.40 -9.41 -2.15
C ASN B 215 -38.23 -9.98 -2.93
N ILE B 216 -37.83 -11.22 -2.58
CA ILE B 216 -36.79 -12.00 -3.30
C ILE B 216 -37.20 -12.10 -4.78
N PRO B 217 -36.32 -11.76 -5.74
CA PRO B 217 -36.71 -11.77 -7.15
C PRO B 217 -37.33 -13.11 -7.57
N LYS B 218 -38.45 -13.04 -8.30
CA LYS B 218 -39.00 -14.13 -9.14
C LYS B 218 -37.91 -15.17 -9.45
N ASP B 219 -36.88 -14.78 -10.19
CA ASP B 219 -36.02 -15.73 -10.94
C ASP B 219 -34.91 -16.32 -10.06
N ILE B 220 -34.72 -15.82 -8.82
CA ILE B 220 -33.90 -16.49 -7.76
C ILE B 220 -34.70 -17.66 -7.17
N VAL B 221 -35.95 -17.43 -6.76
CA VAL B 221 -36.87 -18.52 -6.33
C VAL B 221 -36.79 -19.69 -7.32
N ASN B 222 -36.61 -19.37 -8.59
CA ASN B 222 -36.66 -20.34 -9.68
C ASN B 222 -35.40 -21.21 -9.72
N THR B 223 -34.22 -20.63 -9.56
CA THR B 223 -32.94 -21.37 -9.49
C THR B 223 -32.93 -22.24 -8.24
N ILE B 224 -33.59 -21.76 -7.17
CA ILE B 224 -33.64 -22.48 -5.88
C ILE B 224 -34.54 -23.72 -6.10
N THR B 225 -35.67 -23.50 -6.75
CA THR B 225 -36.65 -24.60 -6.95
C THR B 225 -35.97 -25.69 -7.81
N TYR B 226 -35.23 -25.27 -8.83
CA TYR B 226 -34.44 -26.13 -9.73
C TYR B 226 -33.46 -27.00 -8.91
N ASN B 227 -32.66 -26.38 -8.07
CA ASN B 227 -31.59 -27.10 -7.34
C ASN B 227 -32.21 -28.09 -6.38
N LEU B 228 -33.27 -27.70 -5.68
CA LEU B 228 -33.85 -28.56 -4.64
C LEU B 228 -34.47 -29.78 -5.34
N LYS B 229 -35.15 -29.55 -6.47
CA LYS B 229 -35.64 -30.59 -7.39
C LYS B 229 -34.45 -31.47 -7.82
N LYS B 230 -33.42 -30.91 -8.41
CA LYS B 230 -32.22 -31.69 -8.83
C LYS B 230 -31.89 -32.74 -7.73
N ASN B 231 -31.85 -32.38 -6.44
CA ASN B 231 -31.36 -33.34 -5.40
C ASN B 231 -32.47 -33.93 -4.55
N ASN B 232 -33.72 -33.93 -5.02
CA ASN B 232 -34.85 -34.63 -4.38
C ASN B 232 -35.15 -34.01 -3.03
N PHE B 233 -34.97 -32.70 -2.88
CA PHE B 233 -35.17 -32.02 -1.57
C PHE B 233 -36.28 -30.99 -1.65
N TYR B 234 -37.05 -30.93 -2.73
CA TYR B 234 -38.14 -29.93 -2.87
C TYR B 234 -39.50 -30.48 -2.40
N SER B 235 -40.18 -29.67 -1.59
CA SER B 235 -41.63 -29.81 -1.27
C SER B 235 -42.32 -28.45 -1.29
N ASP B 236 -43.59 -28.41 -0.87
CA ASP B 236 -44.43 -27.19 -0.81
C ASP B 236 -44.00 -26.32 0.38
N ASP B 237 -43.30 -26.91 1.36
CA ASP B 237 -42.64 -26.19 2.49
C ASP B 237 -41.24 -25.67 2.14
N SER B 238 -40.74 -25.82 0.92
CA SER B 238 -39.33 -25.50 0.65
C SER B 238 -39.14 -23.98 0.74
N ILE B 239 -40.15 -23.21 0.38
CA ILE B 239 -40.04 -21.72 0.19
C ILE B 239 -41.31 -21.07 0.76
N LYS B 240 -41.17 -20.29 1.82
CA LYS B 240 -42.28 -19.53 2.43
C LYS B 240 -41.94 -18.05 2.35
N TYR B 241 -42.94 -17.19 2.14
CA TYR B 241 -42.82 -15.71 2.08
C TYR B 241 -43.54 -15.09 3.29
N PHE B 242 -42.94 -14.03 3.86
CA PHE B 242 -43.40 -13.44 5.14
C PHE B 242 -43.33 -11.89 5.14
N ASP B 243 -44.36 -11.32 5.78
CA ASP B 243 -44.65 -9.91 6.20
C ASP B 243 -43.72 -9.42 7.33
N ASN B 244 -43.38 -10.30 8.27
CA ASN B 244 -42.91 -9.92 9.63
C ASN B 244 -42.09 -11.02 10.28
N LEU B 245 -41.21 -10.59 11.18
CA LEU B 245 -40.17 -11.43 11.83
C LEU B 245 -40.84 -12.44 12.76
N GLU B 246 -41.83 -12.00 13.55
CA GLU B 246 -42.57 -12.85 14.51
C GLU B 246 -42.76 -14.21 13.85
N GLU B 247 -43.52 -14.23 12.74
CA GLU B 247 -43.80 -15.40 11.86
C GLU B 247 -42.51 -15.85 11.14
N GLY B 248 -41.81 -14.92 10.46
CA GLY B 248 -40.63 -15.22 9.60
C GLY B 248 -39.59 -16.09 10.29
N LEU B 249 -39.36 -15.91 11.59
CA LEU B 249 -38.16 -16.41 12.31
C LEU B 249 -38.45 -17.72 13.05
N GLU B 250 -39.52 -18.43 12.71
CA GLU B 250 -40.18 -19.35 13.67
C GLU B 250 -39.24 -20.50 14.03
N ASP B 251 -39.01 -21.45 13.10
CA ASP B 251 -38.22 -22.67 13.38
C ASP B 251 -37.01 -22.68 12.43
N VAL B 252 -36.18 -21.62 12.45
CA VAL B 252 -35.04 -21.47 11.49
C VAL B 252 -33.70 -21.59 12.23
N HIS B 253 -32.74 -22.33 11.64
CA HIS B 253 -31.40 -22.56 12.22
C HIS B 253 -30.56 -21.28 12.02
N ILE B 254 -30.92 -20.44 11.06
CA ILE B 254 -30.04 -19.32 10.60
C ILE B 254 -30.88 -18.10 10.24
N ILE B 255 -30.48 -16.94 10.76
CA ILE B 255 -31.05 -15.63 10.40
C ILE B 255 -29.96 -14.82 9.69
N TYR B 256 -30.15 -14.58 8.40
CA TYR B 256 -29.27 -13.77 7.55
C TYR B 256 -29.94 -12.42 7.32
N MET B 257 -29.46 -11.37 8.01
CA MET B 257 -29.97 -9.98 7.94
C MET B 257 -29.25 -9.25 6.80
N THR B 258 -29.77 -8.10 6.33
CA THR B 258 -29.19 -7.32 5.20
C THR B 258 -29.42 -5.80 5.33
N ARG B 259 -28.38 -5.03 4.98
CA ARG B 259 -28.42 -3.56 4.65
C ARG B 259 -29.68 -3.36 3.79
N ILE B 260 -30.60 -2.55 4.28
CA ILE B 260 -31.63 -1.90 3.42
C ILE B 260 -30.91 -0.76 2.68
N GLN B 261 -30.73 -0.89 1.37
CA GLN B 261 -29.69 -0.16 0.57
C GLN B 261 -30.26 1.16 0.04
N LYS B 262 -30.03 2.29 0.76
CA LYS B 262 -30.45 3.68 0.39
C LYS B 262 -29.87 4.02 -1.00
N GLU B 263 -28.55 3.83 -1.11
CA GLU B 263 -27.77 3.47 -2.32
C GLU B 263 -28.70 3.37 -3.56
N ARG B 264 -29.69 2.47 -3.54
CA ARG B 264 -30.35 1.97 -4.77
C ARG B 264 -31.80 2.47 -4.88
N PHE B 265 -32.14 3.57 -4.22
CA PHE B 265 -33.46 4.25 -4.30
C PHE B 265 -33.20 5.71 -4.68
N THR B 266 -33.49 6.14 -5.91
CA THR B 266 -33.54 7.59 -6.24
C THR B 266 -34.73 8.17 -5.46
N ASP B 267 -34.48 9.27 -4.76
CA ASP B 267 -35.38 9.90 -3.75
C ASP B 267 -35.25 9.10 -2.44
N VAL B 268 -34.94 9.80 -1.34
CA VAL B 268 -34.65 9.27 0.03
C VAL B 268 -35.96 9.02 0.80
N ASP B 269 -37.12 9.36 0.22
CA ASP B 269 -38.47 9.26 0.85
C ASP B 269 -39.02 7.84 0.65
N GLU B 270 -38.88 7.31 -0.57
CA GLU B 270 -39.25 5.92 -0.96
C GLU B 270 -38.44 4.94 -0.11
N TYR B 271 -37.15 5.25 0.13
CA TYR B 271 -36.19 4.48 0.98
C TYR B 271 -36.65 4.46 2.45
N ASN B 272 -37.14 5.59 2.99
CA ASN B 272 -37.44 5.80 4.44
C ASN B 272 -38.74 5.05 4.80
N GLN B 273 -39.74 5.04 3.91
CA GLN B 273 -40.93 4.14 3.99
C GLN B 273 -40.53 2.78 3.37
N TYR B 274 -39.43 2.17 3.88
CA TYR B 274 -38.96 0.79 3.55
C TYR B 274 -37.75 0.36 4.41
N LYS B 275 -37.04 1.30 5.10
CA LYS B 275 -35.78 1.03 5.87
C LYS B 275 -36.06 0.67 7.34
N ASN B 276 -37.28 0.86 7.83
CA ASN B 276 -37.58 0.85 9.28
C ASN B 276 -38.34 -0.44 9.65
N ALA B 277 -38.60 -1.29 8.66
CA ALA B 277 -39.60 -2.39 8.73
C ALA B 277 -39.07 -3.51 9.64
N PHE B 278 -37.83 -3.99 9.38
CA PHE B 278 -37.31 -5.26 9.95
C PHE B 278 -36.06 -5.00 10.79
N ILE B 279 -36.26 -4.69 12.07
CA ILE B 279 -35.17 -4.41 13.05
C ILE B 279 -35.06 -5.59 14.02
N LEU B 280 -33.93 -6.31 13.99
CA LEU B 280 -33.62 -7.44 14.90
C LEU B 280 -33.32 -6.90 16.31
N SER B 281 -34.17 -7.27 17.28
CA SER B 281 -33.98 -6.93 18.71
C SER B 281 -33.93 -8.24 19.49
N ASN B 282 -33.54 -8.17 20.76
CA ASN B 282 -33.52 -9.32 21.70
C ASN B 282 -34.97 -9.78 21.96
N LYS B 283 -35.91 -8.83 21.91
CA LYS B 283 -37.38 -9.05 22.03
C LYS B 283 -37.85 -9.94 20.87
N THR B 284 -37.49 -9.60 19.63
CA THR B 284 -37.88 -10.35 18.42
C THR B 284 -37.06 -11.67 18.33
N LEU B 285 -36.18 -11.97 19.29
CA LEU B 285 -35.33 -13.19 19.31
C LEU B 285 -35.75 -14.17 20.40
N GLU B 286 -36.54 -13.70 21.38
CA GLU B 286 -37.07 -14.52 22.51
C GLU B 286 -37.63 -15.83 21.98
N ASN B 287 -38.48 -15.76 20.94
CA ASN B 287 -39.22 -16.90 20.33
C ASN B 287 -38.58 -17.23 18.97
N THR B 288 -37.27 -17.56 19.02
CA THR B 288 -36.52 -18.40 18.05
C THR B 288 -35.94 -19.64 18.76
N ARG B 289 -35.29 -20.52 18.01
CA ARG B 289 -34.64 -21.77 18.51
C ARG B 289 -33.45 -21.41 19.39
N ASP B 290 -32.98 -22.37 20.18
CA ASP B 290 -31.84 -22.18 21.10
C ASP B 290 -30.58 -22.06 20.25
N ASP B 291 -30.42 -23.00 19.32
CA ASP B 291 -29.24 -23.14 18.41
C ASP B 291 -29.23 -22.06 17.31
N THR B 292 -30.26 -21.23 17.11
CA THR B 292 -30.26 -20.32 15.94
C THR B 292 -29.08 -19.38 16.04
N LYS B 293 -28.51 -19.06 14.87
CA LYS B 293 -27.30 -18.22 14.67
C LYS B 293 -27.66 -17.06 13.72
N ILE B 294 -27.27 -15.84 14.07
CA ILE B 294 -27.55 -14.60 13.30
C ILE B 294 -26.31 -14.18 12.50
N LEU B 295 -26.38 -14.27 11.17
CA LEU B 295 -25.36 -13.73 10.24
C LEU B 295 -25.85 -12.40 9.66
N HIS B 296 -24.89 -11.57 9.25
CA HIS B 296 -25.06 -10.33 8.43
C HIS B 296 -23.74 -10.14 7.70
N PRO B 297 -23.75 -9.86 6.38
CA PRO B 297 -22.50 -9.70 5.62
C PRO B 297 -21.81 -8.36 5.87
N LEU B 298 -22.54 -7.38 6.42
CA LEU B 298 -22.04 -6.08 6.97
C LEU B 298 -21.66 -5.20 5.78
N PRO B 299 -21.66 -3.86 5.85
CA PRO B 299 -21.64 -3.08 7.09
C PRO B 299 -22.76 -3.04 8.15
N ARG B 300 -24.06 -3.00 7.78
CA ARG B 300 -25.22 -2.77 8.71
C ARG B 300 -25.39 -1.30 9.09
N VAL B 301 -26.65 -0.87 9.31
CA VAL B 301 -27.10 0.52 9.59
C VAL B 301 -28.03 0.46 10.80
N ASN B 302 -27.67 -0.38 11.78
CA ASN B 302 -28.46 -0.74 13.00
C ASN B 302 -29.99 -0.99 12.64
N GLU B 303 -30.20 -1.88 11.63
CA GLU B 303 -31.27 -2.92 11.43
C GLU B 303 -31.06 -4.17 12.33
N ILE B 304 -29.85 -4.31 12.90
CA ILE B 304 -29.55 -5.14 14.10
C ILE B 304 -29.06 -4.20 15.21
N LYS B 305 -29.89 -4.02 16.22
CA LYS B 305 -29.64 -3.19 17.41
C LYS B 305 -28.43 -3.76 18.12
N VAL B 306 -27.58 -2.87 18.60
CA VAL B 306 -26.30 -3.17 19.31
C VAL B 306 -26.50 -4.19 20.44
N GLU B 307 -27.66 -4.23 21.12
CA GLU B 307 -27.91 -5.16 22.26
C GLU B 307 -27.68 -6.64 21.84
N VAL B 308 -27.81 -6.93 20.55
CA VAL B 308 -27.75 -8.32 20.01
C VAL B 308 -26.29 -8.77 19.86
N ASP B 309 -25.32 -7.88 19.90
CA ASP B 309 -23.89 -8.31 19.79
C ASP B 309 -23.57 -9.20 21.00
N SER B 310 -24.18 -8.86 22.15
CA SER B 310 -23.96 -9.53 23.46
C SER B 310 -24.86 -10.76 23.61
N ASN B 311 -25.85 -10.94 22.73
CA ASN B 311 -26.66 -12.20 22.62
C ASN B 311 -25.78 -13.31 22.01
N PRO B 312 -25.65 -14.50 22.64
CA PRO B 312 -24.83 -15.57 22.06
C PRO B 312 -25.39 -16.20 20.77
N LYS B 313 -26.40 -15.56 20.14
CA LYS B 313 -27.00 -16.00 18.85
C LYS B 313 -26.39 -15.17 17.71
N SER B 314 -25.94 -13.93 17.98
CA SER B 314 -25.14 -13.08 17.05
C SER B 314 -23.82 -13.80 16.74
N VAL B 315 -23.51 -14.04 15.45
CA VAL B 315 -22.18 -14.57 15.01
C VAL B 315 -21.58 -13.76 13.83
N TYR B 316 -22.07 -12.53 13.55
CA TYR B 316 -21.71 -11.72 12.34
C TYR B 316 -20.23 -11.32 12.33
N PHE B 317 -19.58 -11.19 13.50
CA PHE B 317 -18.18 -10.75 13.60
C PHE B 317 -17.30 -11.98 13.41
N THR B 318 -17.72 -13.15 13.90
CA THR B 318 -17.03 -14.44 13.61
C THR B 318 -17.18 -14.72 12.10
N GLN B 319 -18.28 -14.28 11.50
CA GLN B 319 -18.54 -14.41 10.04
C GLN B 319 -17.50 -13.58 9.29
N ALA B 320 -17.40 -12.29 9.59
CA ALA B 320 -16.29 -11.45 9.11
C ALA B 320 -14.94 -12.13 9.42
N GLU B 321 -14.72 -12.68 10.62
CA GLU B 321 -13.43 -13.36 10.95
C GLU B 321 -13.22 -14.44 9.88
N ASN B 322 -14.21 -15.30 9.64
CA ASN B 322 -14.10 -16.51 8.77
C ASN B 322 -13.62 -16.15 7.36
N GLY B 323 -13.98 -14.99 6.84
CA GLY B 323 -13.46 -14.52 5.54
C GLY B 323 -11.94 -14.66 5.41
N LEU B 324 -11.18 -14.37 6.46
CA LEU B 324 -9.70 -14.56 6.47
C LEU B 324 -9.39 -16.02 6.10
N TYR B 325 -10.09 -16.97 6.76
CA TYR B 325 -9.82 -18.43 6.73
C TYR B 325 -10.22 -18.96 5.36
N VAL B 326 -11.30 -18.43 4.82
CA VAL B 326 -11.87 -18.87 3.51
C VAL B 326 -11.03 -18.25 2.37
N ARG B 327 -10.62 -16.99 2.50
CA ARG B 327 -9.85 -16.31 1.44
C ARG B 327 -8.45 -16.95 1.50
N MET B 328 -8.00 -17.42 2.64
CA MET B 328 -6.66 -18.06 2.72
C MET B 328 -6.77 -19.41 2.04
N ALA B 329 -7.75 -20.21 2.46
CA ALA B 329 -8.14 -21.51 1.85
C ALA B 329 -8.14 -21.44 0.32
N LEU B 330 -8.88 -20.50 -0.25
CA LEU B 330 -9.03 -20.33 -1.72
C LEU B 330 -7.66 -20.10 -2.37
N LEU B 331 -6.96 -19.05 -1.93
CA LEU B 331 -5.66 -18.66 -2.52
C LEU B 331 -4.74 -19.89 -2.51
N TYR B 332 -4.69 -20.59 -1.38
CA TYR B 332 -3.87 -21.80 -1.21
C TYR B 332 -4.20 -22.81 -2.31
N LEU B 333 -5.47 -23.02 -2.58
CA LEU B 333 -5.92 -24.13 -3.47
C LEU B 333 -5.66 -23.71 -4.90
N ILE B 334 -5.91 -22.46 -5.26
CA ILE B 334 -5.72 -22.04 -6.68
C ILE B 334 -4.22 -21.92 -7.04
N PHE B 335 -3.30 -21.65 -6.10
CA PHE B 335 -1.95 -21.16 -6.48
C PHE B 335 -0.78 -22.01 -5.95
N SER B 336 -0.96 -23.00 -5.08
CA SER B 336 0.14 -23.91 -4.62
C SER B 336 0.76 -24.68 -5.80
N SER B 337 2.08 -24.96 -5.73
CA SER B 337 2.97 -25.51 -6.81
C SER B 337 3.18 -24.45 -7.92
N MET C 1 22.89 -21.74 -22.75
CA MET C 1 24.10 -21.48 -21.90
C MET C 1 24.99 -20.37 -22.50
N PHE C 2 24.72 -19.89 -23.72
CA PHE C 2 25.59 -18.88 -24.36
C PHE C 2 24.94 -17.50 -24.29
N TYR C 3 25.24 -16.72 -23.25
CA TYR C 3 24.64 -15.37 -23.12
C TYR C 3 25.62 -14.34 -23.72
N ILE C 4 25.28 -13.05 -23.71
CA ILE C 4 26.18 -12.04 -24.34
C ILE C 4 27.55 -12.02 -23.63
N ASN C 5 27.72 -12.66 -22.47
CA ASN C 5 29.01 -12.59 -21.72
C ASN C 5 30.02 -13.56 -22.33
N SER C 6 29.64 -14.38 -23.32
CA SER C 6 30.54 -15.29 -24.07
C SER C 6 30.95 -14.61 -25.38
N LYS C 7 30.46 -13.37 -25.52
CA LYS C 7 30.49 -12.51 -26.72
C LYS C 7 31.21 -11.17 -26.41
N TYR C 8 31.11 -10.62 -25.19
CA TYR C 8 31.78 -9.35 -24.77
C TYR C 8 32.42 -9.53 -23.37
N LYS C 9 33.52 -8.83 -23.08
CA LYS C 9 34.11 -8.77 -21.70
C LYS C 9 33.12 -8.04 -20.80
N ILE C 10 32.58 -8.77 -19.82
CA ILE C 10 31.59 -8.30 -18.81
C ILE C 10 32.13 -8.79 -17.48
N ASP C 11 33.00 -7.98 -16.88
CA ASP C 11 33.58 -8.25 -15.53
C ASP C 11 32.55 -7.75 -14.52
N LEU C 12 31.64 -8.63 -14.08
CA LEU C 12 30.38 -8.17 -13.48
C LEU C 12 30.67 -7.68 -12.05
N ASP C 13 31.71 -8.21 -11.41
CA ASP C 13 32.21 -7.71 -10.09
C ASP C 13 32.72 -6.26 -10.20
N LYS C 14 33.60 -5.92 -11.16
CA LYS C 14 34.10 -4.52 -11.33
C LYS C 14 32.92 -3.57 -11.54
N ILE C 15 32.05 -3.89 -12.51
CA ILE C 15 30.90 -3.06 -12.95
C ILE C 15 29.93 -2.85 -11.77
N MET C 16 29.72 -3.86 -10.93
CA MET C 16 28.80 -3.76 -9.77
C MET C 16 29.41 -2.87 -8.67
N THR C 17 30.73 -2.87 -8.50
CA THR C 17 31.39 -1.88 -7.60
C THR C 17 31.12 -0.47 -8.09
N LYS C 18 31.05 -0.30 -9.41
CA LYS C 18 30.87 1.00 -10.08
C LYS C 18 29.39 1.36 -9.96
N MET C 19 28.49 0.37 -9.92
CA MET C 19 27.03 0.64 -9.85
C MET C 19 26.53 0.67 -8.41
N LYS C 20 27.24 0.05 -7.47
CA LYS C 20 26.89 0.13 -6.03
C LYS C 20 26.36 1.53 -5.73
N ASN C 21 25.07 1.65 -5.44
CA ASN C 21 24.44 2.90 -4.95
C ASN C 21 24.57 4.01 -5.99
N LYS C 22 24.70 3.65 -7.26
CA LYS C 22 24.51 4.52 -8.45
C LYS C 22 23.06 5.04 -8.51
N SER C 23 22.84 6.33 -8.70
CA SER C 23 21.51 6.87 -9.12
C SER C 23 21.42 6.88 -10.65
N VAL C 24 20.23 6.65 -11.18
CA VAL C 24 19.95 6.54 -12.64
C VAL C 24 18.80 7.48 -12.95
N ILE C 25 19.16 8.67 -13.43
CA ILE C 25 18.25 9.83 -13.65
C ILE C 25 17.96 9.93 -15.14
N ASN C 26 19.00 9.72 -15.94
CA ASN C 26 19.01 9.90 -17.42
C ASN C 26 19.80 8.72 -17.99
N ILE C 27 19.52 8.38 -19.25
CA ILE C 27 20.08 7.15 -19.85
C ILE C 27 21.57 7.33 -20.06
N ASP C 28 22.04 8.56 -20.21
CA ASP C 28 23.50 8.88 -20.20
C ASP C 28 24.13 8.64 -18.81
N ASP C 29 23.36 8.39 -17.73
CA ASP C 29 23.99 7.92 -16.44
C ASP C 29 24.44 6.45 -16.54
N VAL C 30 24.11 5.73 -17.62
CA VAL C 30 24.47 4.30 -17.82
C VAL C 30 25.46 4.20 -18.97
N ASP C 31 26.65 3.63 -18.76
CA ASP C 31 27.71 3.59 -19.80
C ASP C 31 27.63 2.26 -20.56
N ASP C 32 28.55 2.00 -21.49
CA ASP C 32 28.64 0.77 -22.30
C ASP C 32 28.64 -0.48 -21.43
N GLU C 33 29.57 -0.54 -20.46
CA GLU C 33 29.78 -1.67 -19.51
C GLU C 33 28.54 -1.86 -18.64
N GLU C 34 27.91 -0.77 -18.24
CA GLU C 34 26.75 -0.82 -17.33
C GLU C 34 25.60 -1.40 -18.16
N LEU C 35 25.53 -1.06 -19.45
CA LEU C 35 24.40 -1.49 -20.31
C LEU C 35 24.55 -3.00 -20.51
N LEU C 36 25.78 -3.45 -20.77
CA LEU C 36 26.13 -4.87 -20.97
C LEU C 36 25.65 -5.62 -19.75
N ALA C 37 25.98 -5.11 -18.56
CA ALA C 37 25.73 -5.78 -17.25
C ALA C 37 24.22 -5.95 -17.06
N ILE C 38 23.47 -4.87 -17.25
CA ILE C 38 21.98 -4.83 -17.17
C ILE C 38 21.37 -5.88 -18.13
N LEU C 39 21.83 -5.93 -19.40
CA LEU C 39 21.28 -6.84 -20.43
C LEU C 39 21.59 -8.29 -20.05
N TYR C 40 22.80 -8.56 -19.58
CA TYR C 40 23.22 -9.92 -19.17
C TYR C 40 22.34 -10.35 -17.99
N THR C 41 22.23 -9.48 -16.99
CA THR C 41 21.54 -9.72 -15.69
C THR C 41 20.03 -9.80 -15.96
N SER C 42 19.47 -8.96 -16.84
CA SER C 42 18.08 -9.11 -17.32
C SER C 42 17.86 -10.53 -17.88
N LYS C 43 18.75 -11.03 -18.73
CA LYS C 43 18.64 -12.40 -19.33
C LYS C 43 18.64 -13.44 -18.21
N GLN C 44 19.47 -13.27 -17.17
CA GLN C 44 19.50 -14.25 -16.06
C GLN C 44 18.12 -14.21 -15.38
N PHE C 45 17.58 -13.01 -15.14
CA PHE C 45 16.31 -12.90 -14.36
C PHE C 45 15.19 -13.54 -15.18
N GLU C 46 15.22 -13.36 -16.49
CA GLU C 46 14.23 -13.96 -17.40
C GLU C 46 14.28 -15.49 -17.26
N LYS C 47 15.47 -16.10 -17.39
CA LYS C 47 15.66 -17.58 -17.26
C LYS C 47 15.21 -18.05 -15.87
N ILE C 48 15.51 -17.33 -14.79
CA ILE C 48 15.14 -17.73 -13.40
C ILE C 48 13.61 -17.77 -13.23
N LEU C 49 12.90 -16.68 -13.55
CA LEU C 49 11.41 -16.59 -13.47
C LEU C 49 10.76 -17.62 -14.39
N LYS C 50 11.19 -17.72 -15.64
CA LYS C 50 10.59 -18.65 -16.64
C LYS C 50 10.80 -20.12 -16.25
N ASN C 51 11.76 -20.47 -15.39
CA ASN C 51 11.99 -21.86 -14.89
C ASN C 51 11.46 -21.98 -13.45
N ASN C 52 10.70 -20.99 -12.97
CA ASN C 52 10.14 -20.93 -11.58
C ASN C 52 11.22 -21.33 -10.56
N GLU C 53 12.41 -20.75 -10.68
CA GLU C 53 13.49 -20.87 -9.68
C GLU C 53 13.42 -19.68 -8.72
N ASP C 54 14.01 -19.84 -7.54
CA ASP C 54 14.10 -18.80 -6.48
C ASP C 54 14.67 -17.50 -7.09
N SER C 55 13.91 -16.38 -7.04
CA SER C 55 14.29 -15.05 -7.59
C SER C 55 14.66 -14.05 -6.48
N LYS C 56 14.76 -14.49 -5.23
CA LYS C 56 14.90 -13.63 -4.03
C LYS C 56 16.38 -13.26 -3.85
N TYR C 57 16.96 -12.54 -4.80
CA TYR C 57 18.42 -12.27 -4.92
C TYR C 57 18.76 -10.91 -4.32
N LEU C 58 17.78 -10.27 -3.68
CA LEU C 58 17.88 -8.97 -2.99
C LEU C 58 16.89 -8.90 -1.81
N GLU C 59 17.00 -9.82 -0.85
CA GLU C 59 16.18 -9.86 0.39
C GLU C 59 16.58 -8.70 1.30
N ASN C 60 15.66 -8.23 2.13
CA ASN C 60 15.91 -7.37 3.32
C ASN C 60 16.25 -5.92 2.97
N LYS C 61 16.15 -5.53 1.70
CA LYS C 61 16.22 -4.12 1.27
C LYS C 61 14.81 -3.55 1.37
N VAL C 62 14.70 -2.23 1.56
CA VAL C 62 13.41 -1.51 1.65
C VAL C 62 13.49 -0.32 0.71
N PHE C 63 12.60 -0.25 -0.29
CA PHE C 63 12.54 0.90 -1.25
C PHE C 63 11.30 1.72 -0.89
N CYS C 64 11.34 3.00 -1.20
CA CYS C 64 10.15 3.85 -1.29
C CYS C 64 9.89 4.12 -2.77
N SER C 65 8.73 3.75 -3.26
CA SER C 65 8.18 4.17 -4.56
C SER C 65 7.32 5.43 -4.37
N VAL C 66 7.77 6.58 -4.88
CA VAL C 66 7.03 7.88 -4.95
C VAL C 66 6.56 8.10 -6.40
N PHE C 67 5.27 7.91 -6.68
CA PHE C 67 4.61 8.17 -7.99
C PHE C 67 3.51 9.25 -7.88
N LEU C 68 3.87 10.51 -8.19
CA LEU C 68 2.99 11.71 -8.15
C LEU C 68 2.27 11.92 -9.50
N GLU C 69 2.19 10.90 -10.35
CA GLU C 69 1.13 10.86 -11.40
C GLU C 69 0.70 9.39 -11.55
N PRO C 70 -0.54 9.14 -12.03
CA PRO C 70 -0.96 7.78 -12.34
C PRO C 70 0.15 7.10 -13.17
N SER C 71 0.37 5.79 -12.97
CA SER C 71 1.39 4.99 -13.70
C SER C 71 0.81 3.68 -14.24
N THR C 72 0.36 2.80 -13.35
CA THR C 72 0.08 1.37 -13.63
C THR C 72 1.37 0.68 -14.09
N ALA C 73 1.52 0.41 -15.39
CA ALA C 73 2.47 -0.61 -15.91
C ALA C 73 3.81 -0.44 -15.20
N THR C 74 4.37 0.78 -15.24
CA THR C 74 5.71 1.14 -14.70
C THR C 74 5.69 1.02 -13.16
N ARG C 75 4.68 1.57 -12.47
CA ARG C 75 4.65 1.49 -10.98
C ARG C 75 4.57 0.04 -10.54
N CYS C 76 3.75 -0.77 -11.24
CA CYS C 76 3.38 -2.13 -10.79
C CYS C 76 4.50 -3.09 -11.16
N SER C 77 5.30 -2.67 -12.13
CA SER C 77 6.48 -3.38 -12.68
C SER C 77 7.63 -3.26 -11.70
N PHE C 78 7.85 -2.05 -11.17
CA PHE C 78 8.89 -1.74 -10.14
C PHE C 78 8.45 -2.46 -8.86
N ASP C 79 7.25 -2.18 -8.35
CA ASP C 79 6.72 -2.87 -7.14
C ASP C 79 6.95 -4.36 -7.32
N ALA C 80 6.71 -4.90 -8.52
CA ALA C 80 6.73 -6.38 -8.71
C ALA C 80 8.17 -6.86 -8.72
N ALA C 81 9.07 -6.08 -9.30
CA ALA C 81 10.49 -6.44 -9.43
C ALA C 81 11.06 -6.51 -8.00
N ILE C 82 10.64 -5.55 -7.18
CA ILE C 82 11.11 -5.39 -5.77
C ILE C 82 10.67 -6.62 -4.97
N LEU C 83 9.43 -7.05 -5.15
CA LEU C 83 8.83 -8.11 -4.30
C LEU C 83 9.44 -9.44 -4.74
N LYS C 84 9.54 -9.65 -6.04
CA LYS C 84 10.13 -10.87 -6.63
C LYS C 84 11.60 -11.01 -6.14
N LEU C 85 12.29 -9.89 -5.98
CA LEU C 85 13.69 -9.89 -5.49
C LEU C 85 13.78 -10.21 -3.98
N GLY C 86 12.65 -10.37 -3.26
CA GLY C 86 12.55 -10.64 -1.81
C GLY C 86 12.66 -9.36 -0.96
N SER C 87 12.40 -8.20 -1.54
CA SER C 87 12.57 -6.90 -0.82
C SER C 87 11.19 -6.38 -0.54
N LYS C 88 11.08 -5.36 0.28
CA LYS C 88 9.77 -4.73 0.57
C LYS C 88 9.80 -3.31 0.00
N VAL C 89 8.63 -2.73 -0.17
CA VAL C 89 8.41 -1.39 -0.74
C VAL C 89 7.31 -0.71 0.07
N LEU C 90 7.50 0.52 0.52
CA LEU C 90 6.38 1.41 0.91
C LEU C 90 6.13 2.36 -0.27
N ASN C 91 4.91 2.87 -0.43
CA ASN C 91 4.39 3.49 -1.67
C ASN C 91 3.83 4.87 -1.32
N ILE C 92 4.08 5.88 -2.13
CA ILE C 92 3.32 7.17 -2.18
C ILE C 92 2.74 7.29 -3.60
N THR C 93 1.45 7.65 -3.72
CA THR C 93 0.77 8.05 -4.99
C THR C 93 0.02 9.37 -4.75
N ASP C 94 0.71 10.37 -4.17
CA ASP C 94 0.07 11.54 -3.51
C ASP C 94 -1.32 11.14 -3.00
N GLY C 103 2.90 22.33 1.76
CA GLY C 103 4.13 22.94 2.27
C GLY C 103 5.37 22.19 1.84
N GLU C 104 5.57 20.97 2.34
CA GLU C 104 6.92 20.31 2.36
C GLU C 104 7.64 20.59 1.03
N THR C 105 8.79 21.28 1.07
CA THR C 105 9.73 21.48 -0.08
C THR C 105 10.25 20.08 -0.48
N VAL C 106 10.67 19.92 -1.73
CA VAL C 106 11.16 18.62 -2.26
C VAL C 106 12.34 18.16 -1.40
N GLU C 107 13.30 19.02 -1.10
CA GLU C 107 14.58 18.56 -0.49
C GLU C 107 14.29 18.00 0.92
N ASP C 108 13.42 18.62 1.71
CA ASP C 108 13.11 18.11 3.07
C ASP C 108 12.58 16.66 2.99
N ALA C 109 11.55 16.44 2.17
CA ALA C 109 10.91 15.14 1.90
C ALA C 109 11.97 14.07 1.63
N PHE C 110 12.93 14.30 0.72
CA PHE C 110 13.91 13.24 0.29
C PHE C 110 14.98 13.07 1.38
N LYS C 111 15.28 14.14 2.12
CA LYS C 111 16.19 14.07 3.27
C LYS C 111 15.57 13.09 4.29
N ILE C 112 14.29 13.24 4.61
CA ILE C 112 13.60 12.38 5.62
C ILE C 112 13.40 10.98 5.03
N LEU C 113 12.78 10.84 3.85
CA LEU C 113 12.47 9.51 3.24
C LEU C 113 13.75 8.70 3.15
N SER C 114 14.89 9.32 2.88
CA SER C 114 16.17 8.60 2.63
C SER C 114 16.76 8.09 3.95
N THR C 115 16.33 8.58 5.12
CA THR C 115 16.78 8.05 6.44
C THR C 115 16.11 6.70 6.75
N TYR C 116 15.01 6.33 6.07
CA TYR C 116 14.12 5.17 6.39
C TYR C 116 14.29 3.99 5.39
N VAL C 117 14.79 4.23 4.18
CA VAL C 117 14.80 3.23 3.07
C VAL C 117 16.21 3.16 2.45
N ASP C 118 16.46 2.07 1.71
CA ASP C 118 17.75 1.86 1.01
C ASP C 118 17.79 2.51 -0.38
N GLY C 119 16.64 2.78 -1.00
CA GLY C 119 16.55 3.34 -2.37
C GLY C 119 15.17 3.95 -2.66
N ILE C 120 15.12 4.90 -3.60
CA ILE C 120 13.86 5.60 -3.96
C ILE C 120 13.60 5.47 -5.48
N ILE C 121 12.43 4.93 -5.82
CA ILE C 121 11.87 5.04 -7.19
C ILE C 121 10.98 6.28 -7.24
N TYR C 122 11.22 7.13 -8.23
CA TYR C 122 10.64 8.50 -8.27
C TYR C 122 10.01 8.76 -9.64
N ARG C 123 8.72 9.07 -9.63
CA ARG C 123 8.02 9.66 -10.80
C ARG C 123 7.35 10.94 -10.36
N ASP C 124 7.62 12.02 -11.11
CA ASP C 124 7.06 13.37 -10.91
C ASP C 124 6.75 13.94 -12.30
N PRO C 125 5.60 14.59 -12.55
CA PRO C 125 5.31 15.20 -13.84
C PRO C 125 6.22 16.42 -14.13
N SER C 126 6.78 17.01 -13.08
CA SER C 126 7.87 17.99 -13.15
C SER C 126 9.13 17.29 -13.68
N LYS C 127 9.87 18.00 -14.53
CA LYS C 127 11.16 17.58 -15.13
C LYS C 127 12.31 17.90 -14.16
N LYS C 128 12.19 18.94 -13.30
CA LYS C 128 13.31 19.46 -12.47
C LYS C 128 13.42 18.70 -11.13
N ASN C 129 12.32 18.37 -10.46
CA ASN C 129 12.32 17.91 -9.03
C ASN C 129 13.26 16.72 -8.77
N VAL C 130 13.53 15.91 -9.78
CA VAL C 130 14.36 14.68 -9.61
C VAL C 130 15.79 15.06 -9.28
N ASP C 131 16.30 16.12 -9.92
CA ASP C 131 17.62 16.71 -9.58
C ASP C 131 17.56 17.17 -8.11
N ILE C 132 16.54 17.90 -7.74
CA ILE C 132 16.43 18.42 -6.36
C ILE C 132 16.53 17.23 -5.39
N ALA C 133 15.66 16.22 -5.58
CA ALA C 133 15.59 15.02 -4.73
C ALA C 133 16.93 14.27 -4.73
N VAL C 134 17.69 14.26 -5.85
CA VAL C 134 18.99 13.51 -5.93
C VAL C 134 20.04 14.18 -5.02
N SER C 135 19.93 15.49 -4.79
CA SER C 135 20.88 16.32 -4.01
C SER C 135 20.52 16.37 -2.51
N SER C 136 19.33 15.91 -2.12
CA SER C 136 18.93 15.87 -0.68
C SER C 136 18.79 14.42 -0.19
N SER C 137 18.57 13.45 -1.08
CA SER C 137 18.48 12.03 -0.68
C SER C 137 19.89 11.58 -0.26
N SER C 138 20.07 10.93 0.88
CA SER C 138 21.34 10.25 1.25
C SER C 138 21.42 8.88 0.57
N LYS C 139 20.49 8.60 -0.36
CA LYS C 139 20.28 7.25 -0.95
C LYS C 139 20.06 7.38 -2.46
N PRO C 140 20.44 6.33 -3.21
CA PRO C 140 20.25 6.29 -4.65
C PRO C 140 18.80 6.44 -5.14
N ILE C 141 18.66 7.16 -6.24
CA ILE C 141 17.32 7.41 -6.85
C ILE C 141 17.26 6.84 -8.26
N ILE C 142 16.22 6.05 -8.55
CA ILE C 142 15.86 5.58 -9.92
C ILE C 142 14.71 6.47 -10.43
N ASN C 143 15.00 7.23 -11.50
CA ASN C 143 14.00 8.02 -12.27
C ASN C 143 13.03 7.06 -12.93
N ALA C 144 11.76 7.15 -12.61
CA ALA C 144 10.72 6.30 -13.26
C ALA C 144 9.88 7.14 -14.22
N GLY C 145 10.28 8.40 -14.48
CA GLY C 145 9.32 9.47 -14.80
C GLY C 145 10.02 10.76 -15.13
N ASN C 146 9.59 11.88 -14.55
CA ASN C 146 10.18 13.24 -14.77
C ASN C 146 9.69 13.75 -16.13
N GLY C 147 8.36 13.80 -16.25
CA GLY C 147 7.52 14.30 -17.37
C GLY C 147 8.29 15.05 -18.45
N THR C 148 8.14 14.60 -19.69
CA THR C 148 8.64 15.26 -20.95
C THR C 148 10.16 15.09 -21.03
N GLY C 149 10.82 14.74 -19.93
CA GLY C 149 12.29 14.60 -19.83
C GLY C 149 12.72 13.22 -20.27
N GLU C 150 12.96 12.32 -19.32
CA GLU C 150 13.57 11.01 -19.63
C GLU C 150 12.91 9.86 -18.85
N HIS C 151 13.15 8.63 -19.27
CA HIS C 151 12.55 7.39 -18.76
C HIS C 151 13.56 6.29 -18.96
N PRO C 152 14.65 6.35 -18.18
CA PRO C 152 15.83 5.53 -18.49
C PRO C 152 15.52 4.02 -18.49
N THR C 153 14.68 3.58 -17.54
CA THR C 153 14.34 2.14 -17.36
C THR C 153 13.44 1.73 -18.53
N GLN C 154 12.63 2.64 -19.05
CA GLN C 154 11.89 2.33 -20.30
C GLN C 154 12.95 2.03 -21.38
N SER C 155 13.86 2.96 -21.67
CA SER C 155 14.94 2.79 -22.66
C SER C 155 15.58 1.42 -22.52
N LEU C 156 15.97 1.06 -21.31
CA LEU C 156 16.78 -0.16 -21.12
C LEU C 156 15.98 -1.40 -21.53
N LEU C 157 14.67 -1.39 -21.31
CA LEU C 157 13.87 -2.61 -21.49
C LEU C 157 13.50 -2.67 -22.98
N ASP C 158 13.28 -1.52 -23.62
CA ASP C 158 13.15 -1.33 -25.09
C ASP C 158 14.44 -1.86 -25.73
N PHE C 159 15.59 -1.38 -25.31
CA PHE C 159 16.86 -1.90 -25.84
C PHE C 159 16.92 -3.44 -25.72
N TYR C 160 16.61 -3.96 -24.54
CA TYR C 160 16.64 -5.42 -24.24
C TYR C 160 15.73 -6.15 -25.24
N THR C 161 14.51 -5.62 -25.44
CA THR C 161 13.54 -6.15 -26.41
C THR C 161 14.21 -6.19 -27.77
N ILE C 162 14.75 -5.05 -28.20
CA ILE C 162 15.41 -4.90 -29.53
C ILE C 162 16.60 -5.85 -29.60
N HIS C 163 17.45 -5.87 -28.60
CA HIS C 163 18.63 -6.77 -28.63
C HIS C 163 18.18 -8.23 -28.78
N ASN C 164 17.02 -8.60 -28.24
CA ASN C 164 16.50 -10.01 -28.27
C ASN C 164 16.20 -10.44 -29.71
N TYR C 165 15.65 -9.56 -30.57
CA TYR C 165 15.34 -9.83 -32.00
C TYR C 165 16.51 -9.45 -32.93
N PHE C 166 17.32 -8.48 -32.54
CA PHE C 166 18.37 -7.90 -33.41
C PHE C 166 19.69 -7.83 -32.64
N PRO C 167 20.27 -9.00 -32.30
CA PRO C 167 21.53 -9.08 -31.55
C PRO C 167 22.63 -8.12 -32.00
N PHE C 168 22.70 -7.83 -33.32
CA PHE C 168 23.75 -6.98 -33.94
C PHE C 168 23.73 -5.51 -33.48
N ILE C 169 22.67 -4.90 -32.87
CA ILE C 169 22.81 -3.48 -32.36
C ILE C 169 24.09 -3.40 -31.50
N LEU C 170 24.48 -4.48 -30.79
CA LEU C 170 25.64 -4.41 -29.84
C LEU C 170 26.97 -4.47 -30.59
N ASP C 171 26.98 -4.99 -31.83
CA ASP C 171 28.22 -5.35 -32.59
C ASP C 171 28.96 -4.07 -33.02
N ARG C 172 28.26 -2.95 -33.22
CA ARG C 172 28.86 -1.68 -33.70
C ARG C 172 29.63 -2.00 -35.00
N ASN C 173 28.98 -2.72 -35.92
CA ASN C 173 29.50 -3.04 -37.27
C ASN C 173 28.91 -2.06 -38.31
N ILE C 174 29.79 -1.29 -38.95
CA ILE C 174 29.47 -0.29 -40.01
C ILE C 174 28.43 -0.85 -41.01
N ASN C 175 28.39 -2.17 -41.22
CA ASN C 175 27.65 -2.87 -42.31
C ASN C 175 26.31 -3.44 -41.81
N LYS C 176 26.19 -3.81 -40.52
CA LYS C 176 24.94 -4.27 -39.85
C LYS C 176 24.27 -3.13 -39.07
N LYS C 177 23.42 -2.39 -39.77
CA LYS C 177 22.77 -1.14 -39.32
C LYS C 177 21.33 -1.49 -38.96
N LEU C 178 20.84 -1.07 -37.78
CA LEU C 178 19.39 -1.14 -37.41
C LEU C 178 18.64 0.12 -37.80
N ASN C 179 17.54 -0.03 -38.52
CA ASN C 179 16.65 1.09 -38.89
C ASN C 179 15.41 1.01 -38.00
N ILE C 180 15.10 2.09 -37.27
CA ILE C 180 13.93 2.23 -36.35
C ILE C 180 13.10 3.42 -36.82
N ALA C 181 11.78 3.27 -36.86
CA ALA C 181 10.80 4.36 -37.04
C ALA C 181 10.24 4.66 -35.66
N PHE C 182 10.33 5.90 -35.23
CA PHE C 182 9.50 6.42 -34.12
C PHE C 182 8.28 7.09 -34.77
N VAL C 183 7.07 6.89 -34.21
CA VAL C 183 5.74 7.39 -34.70
C VAL C 183 4.91 7.99 -33.56
N GLY C 184 4.27 9.16 -33.75
CA GLY C 184 3.33 9.79 -32.80
C GLY C 184 3.85 11.11 -32.22
N ASP C 185 3.80 11.29 -30.88
CA ASP C 185 4.24 12.51 -30.14
C ASP C 185 5.71 12.37 -29.73
N LEU C 186 6.60 12.87 -30.61
CA LEU C 186 8.09 12.80 -30.52
C LEU C 186 8.61 13.96 -29.65
N LYS C 187 7.86 15.08 -29.68
CA LYS C 187 8.10 16.30 -28.87
C LYS C 187 8.03 15.94 -27.40
N ASN C 188 6.89 15.42 -26.92
CA ASN C 188 6.62 15.24 -25.46
C ASN C 188 7.08 13.85 -24.99
N GLY C 189 7.10 12.86 -25.90
CA GLY C 189 7.43 11.44 -25.62
C GLY C 189 8.79 11.27 -24.97
N ARG C 190 8.85 11.19 -23.65
CA ARG C 190 10.10 10.95 -22.89
C ARG C 190 10.68 9.55 -23.18
N THR C 191 9.86 8.65 -23.74
CA THR C 191 10.31 7.28 -24.15
C THR C 191 11.12 7.40 -25.45
N VAL C 192 10.62 8.19 -26.40
CA VAL C 192 11.37 8.48 -27.65
C VAL C 192 12.73 9.10 -27.31
N HIS C 193 12.71 10.13 -26.46
CA HIS C 193 13.91 10.95 -26.11
C HIS C 193 14.96 10.04 -25.50
N SER C 194 14.51 9.21 -24.58
CA SER C 194 15.44 8.34 -23.87
C SER C 194 16.03 7.32 -24.87
N LEU C 195 15.17 6.71 -25.71
CA LEU C 195 15.57 5.55 -26.57
C LEU C 195 16.43 6.06 -27.75
N SER C 196 16.04 7.17 -28.35
CA SER C 196 16.86 7.87 -29.38
C SER C 196 18.32 7.96 -28.95
N LYS C 197 18.53 8.61 -27.81
CA LYS C 197 19.84 8.90 -27.19
C LYS C 197 20.60 7.60 -27.02
N LEU C 198 19.90 6.54 -26.62
CA LEU C 198 20.52 5.23 -26.29
C LEU C 198 20.90 4.53 -27.60
N LEU C 199 19.94 4.39 -28.51
CA LEU C 199 20.17 3.79 -29.84
C LEU C 199 21.31 4.56 -30.54
N SER C 200 21.32 5.88 -30.52
CA SER C 200 22.29 6.66 -31.32
C SER C 200 23.73 6.32 -30.93
N ARG C 201 23.98 5.58 -29.84
CA ARG C 201 25.33 5.09 -29.44
C ARG C 201 25.75 3.91 -30.32
N TYR C 202 24.91 3.45 -31.25
CA TYR C 202 25.06 2.13 -31.93
C TYR C 202 24.95 2.40 -33.44
N ASN C 203 25.08 1.39 -34.29
CA ASN C 203 24.84 1.61 -35.75
C ASN C 203 23.32 1.54 -36.00
N VAL C 204 22.67 2.70 -35.90
CA VAL C 204 21.19 2.84 -36.03
C VAL C 204 20.85 3.99 -36.98
N SER C 205 19.81 3.77 -37.76
CA SER C 205 19.11 4.82 -38.56
C SER C 205 17.72 5.05 -37.98
N PHE C 206 17.26 6.30 -38.07
CA PHE C 206 16.03 6.86 -37.44
C PHE C 206 15.15 7.48 -38.51
N ASN C 207 13.97 6.92 -38.70
CA ASN C 207 12.81 7.63 -39.31
C ASN C 207 11.91 8.19 -38.21
N PHE C 208 11.74 9.51 -38.18
CA PHE C 208 10.84 10.25 -37.26
C PHE C 208 9.55 10.57 -38.00
N VAL C 209 8.45 9.93 -37.59
CA VAL C 209 7.10 10.09 -38.20
C VAL C 209 6.20 10.83 -37.21
N SER C 210 5.60 11.96 -37.65
CA SER C 210 4.67 12.79 -36.85
C SER C 210 4.17 13.95 -37.72
N CYS C 211 3.30 14.79 -37.16
CA CYS C 211 2.79 16.05 -37.77
C CYS C 211 3.44 17.23 -37.04
N LYS C 212 3.49 18.42 -37.68
CA LYS C 212 4.55 19.46 -37.49
C LYS C 212 4.81 19.77 -36.02
N SER C 213 3.77 20.09 -35.24
CA SER C 213 3.90 20.59 -33.83
C SER C 213 4.51 19.52 -32.90
N LEU C 214 4.61 18.28 -33.38
CA LEU C 214 5.02 17.09 -32.55
C LEU C 214 6.34 16.45 -33.04
N ASN C 215 6.86 16.85 -34.22
CA ASN C 215 8.25 16.65 -34.70
C ASN C 215 9.22 16.37 -33.54
N ILE C 216 10.28 15.62 -33.81
CA ILE C 216 11.35 15.35 -32.79
C ILE C 216 12.04 16.67 -32.48
N PRO C 217 12.23 17.05 -31.20
CA PRO C 217 13.03 18.23 -30.84
C PRO C 217 14.44 18.35 -31.48
N LYS C 218 14.75 19.50 -32.10
CA LYS C 218 16.10 19.88 -32.63
C LYS C 218 17.22 19.27 -31.78
N ASP C 219 17.20 19.42 -30.46
CA ASP C 219 18.37 19.12 -29.59
C ASP C 219 18.49 17.61 -29.31
N ILE C 220 17.41 16.87 -29.50
CA ILE C 220 17.48 15.37 -29.54
C ILE C 220 18.24 15.01 -30.83
N VAL C 221 17.80 15.48 -31.98
CA VAL C 221 18.55 15.30 -33.26
C VAL C 221 20.03 15.65 -33.08
N ASN C 222 20.36 16.69 -32.32
CA ASN C 222 21.77 17.11 -32.16
C ASN C 222 22.52 16.03 -31.38
N THR C 223 21.88 15.43 -30.37
CA THR C 223 22.44 14.37 -29.50
C THR C 223 22.61 13.10 -30.34
N ILE C 224 21.57 12.69 -31.06
CA ILE C 224 21.65 11.53 -32.01
C ILE C 224 22.86 11.81 -32.94
N THR C 225 22.81 12.91 -33.68
CA THR C 225 23.87 13.31 -34.65
C THR C 225 25.25 13.28 -33.95
N TYR C 226 25.40 13.99 -32.83
CA TYR C 226 26.67 13.96 -32.06
C TYR C 226 27.12 12.50 -31.94
N ASN C 227 26.32 11.63 -31.28
CA ASN C 227 26.66 10.24 -30.87
C ASN C 227 26.93 9.35 -32.10
N LEU C 228 26.13 9.48 -33.15
CA LEU C 228 26.37 8.73 -34.40
C LEU C 228 27.78 9.09 -34.89
N LYS C 229 28.10 10.39 -34.97
CA LYS C 229 29.40 10.88 -35.52
C LYS C 229 30.52 10.33 -34.66
N LYS C 230 30.38 10.30 -33.33
CA LYS C 230 31.44 9.81 -32.39
C LYS C 230 31.91 8.39 -32.79
N ASN C 231 31.05 7.48 -33.27
CA ASN C 231 31.43 6.10 -33.66
C ASN C 231 31.55 5.94 -35.19
N ASN C 232 31.43 7.03 -35.96
CA ASN C 232 31.63 7.06 -37.43
C ASN C 232 30.45 6.41 -38.16
N PHE C 233 29.27 6.33 -37.53
CA PHE C 233 28.02 5.80 -38.14
C PHE C 233 27.15 6.92 -38.69
N TYR C 234 27.59 8.18 -38.69
CA TYR C 234 26.76 9.31 -39.19
C TYR C 234 26.84 9.42 -40.72
N SER C 235 25.67 9.45 -41.38
CA SER C 235 25.51 9.88 -42.79
C SER C 235 24.21 10.66 -42.96
N ASP C 236 23.99 11.27 -44.13
CA ASP C 236 22.79 12.08 -44.48
C ASP C 236 21.56 11.17 -44.61
N ASP C 237 21.72 9.85 -44.45
CA ASP C 237 20.61 8.85 -44.41
C ASP C 237 20.35 8.37 -42.98
N SER C 238 21.02 8.95 -41.99
CA SER C 238 20.97 8.57 -40.55
C SER C 238 19.61 8.96 -39.93
N ILE C 239 19.03 10.09 -40.34
CA ILE C 239 17.88 10.78 -39.70
C ILE C 239 16.99 11.36 -40.81
N LYS C 240 15.96 10.63 -41.25
CA LYS C 240 14.97 11.08 -42.27
C LYS C 240 13.65 11.39 -41.56
N TYR C 241 12.90 12.40 -42.02
CA TYR C 241 11.62 12.88 -41.45
C TYR C 241 10.48 12.51 -42.42
N PHE C 242 9.29 12.18 -41.91
CA PHE C 242 8.17 11.62 -42.73
C PHE C 242 6.78 12.08 -42.25
N ASP C 243 5.90 12.31 -43.25
CA ASP C 243 4.50 12.85 -43.16
C ASP C 243 3.52 11.72 -42.81
N ASN C 244 3.80 10.48 -43.27
CA ASN C 244 2.85 9.33 -43.27
C ASN C 244 3.54 8.00 -42.88
N LEU C 245 2.74 6.93 -42.77
CA LEU C 245 3.21 5.55 -42.46
C LEU C 245 3.70 4.86 -43.74
N GLU C 246 3.11 5.16 -44.90
CA GLU C 246 3.58 4.51 -46.16
C GLU C 246 5.11 4.71 -46.22
N GLU C 247 5.56 5.95 -46.43
CA GLU C 247 7.00 6.33 -46.56
C GLU C 247 7.76 5.83 -45.31
N GLY C 248 7.23 6.14 -44.12
CA GLY C 248 7.94 6.08 -42.82
C GLY C 248 8.28 4.67 -42.34
N LEU C 249 7.53 3.64 -42.71
CA LEU C 249 7.72 2.28 -42.15
C LEU C 249 8.69 1.48 -43.04
N GLU C 250 8.98 1.96 -44.25
CA GLU C 250 9.75 1.20 -45.27
C GLU C 250 11.14 0.84 -44.73
N ASP C 251 11.51 -0.45 -44.76
CA ASP C 251 12.87 -0.95 -44.41
C ASP C 251 13.26 -0.58 -42.97
N VAL C 252 12.32 -0.66 -42.01
CA VAL C 252 12.60 -0.53 -40.55
C VAL C 252 12.46 -1.89 -39.87
N HIS C 253 13.49 -2.24 -39.12
CA HIS C 253 13.54 -3.41 -38.24
C HIS C 253 12.53 -3.19 -37.08
N ILE C 254 12.43 -1.94 -36.64
CA ILE C 254 11.61 -1.63 -35.45
C ILE C 254 10.61 -0.54 -35.80
N ILE C 255 9.35 -0.80 -35.46
CA ILE C 255 8.31 0.27 -35.34
C ILE C 255 8.08 0.51 -33.84
N TYR C 256 8.40 1.71 -33.34
CA TYR C 256 8.08 2.21 -31.97
C TYR C 256 6.95 3.24 -32.07
N MET C 257 5.75 2.90 -31.59
CA MET C 257 4.53 3.76 -31.57
C MET C 257 4.38 4.40 -30.17
N THR C 258 3.77 5.59 -30.12
CA THR C 258 3.60 6.40 -28.87
C THR C 258 2.19 6.96 -28.84
N ARG C 259 1.81 7.43 -27.65
CA ARG C 259 0.45 7.79 -27.16
C ARG C 259 -0.11 8.90 -28.05
N ILE C 260 -0.01 10.15 -27.60
CA ILE C 260 -0.93 11.29 -27.94
C ILE C 260 -2.15 11.21 -27.01
N ASN C 276 -5.65 10.22 -35.43
CA ASN C 276 -6.26 9.59 -36.63
C ASN C 276 -5.28 9.68 -37.83
N ALA C 277 -4.08 10.24 -37.64
CA ALA C 277 -3.07 10.46 -38.70
C ALA C 277 -2.05 9.31 -38.75
N PHE C 278 -1.80 8.59 -37.64
CA PHE C 278 -0.79 7.49 -37.59
C PHE C 278 -1.31 6.25 -36.84
N ILE C 279 -2.42 5.68 -37.31
CA ILE C 279 -3.04 4.45 -36.74
C ILE C 279 -2.43 3.24 -37.44
N LEU C 280 -1.92 2.27 -36.67
CA LEU C 280 -1.24 1.07 -37.21
C LEU C 280 -2.26 -0.06 -37.40
N SER C 281 -2.34 -0.66 -38.61
CA SER C 281 -3.29 -1.73 -39.03
C SER C 281 -2.55 -2.85 -39.77
N ASN C 282 -3.18 -4.04 -39.94
CA ASN C 282 -2.55 -5.21 -40.61
C ASN C 282 -2.41 -4.90 -42.08
N LYS C 283 -3.34 -4.09 -42.61
CA LYS C 283 -3.26 -3.44 -43.96
C LYS C 283 -1.95 -2.65 -44.05
N THR C 284 -1.73 -1.66 -43.17
CA THR C 284 -0.57 -0.74 -43.21
C THR C 284 0.72 -1.46 -42.76
N LEU C 285 0.73 -2.76 -42.48
CA LEU C 285 2.00 -3.49 -42.20
C LEU C 285 2.39 -4.38 -43.37
N GLU C 286 1.51 -4.54 -44.37
CA GLU C 286 1.68 -5.42 -45.57
C GLU C 286 3.04 -5.17 -46.25
N ASN C 287 3.40 -3.89 -46.46
CA ASN C 287 4.66 -3.43 -47.12
C ASN C 287 5.66 -3.00 -46.04
N THR C 288 5.95 -3.84 -45.04
CA THR C 288 7.08 -3.67 -44.10
C THR C 288 8.01 -4.89 -44.24
N ARG C 289 9.17 -4.84 -43.62
CA ARG C 289 10.14 -5.97 -43.69
C ARG C 289 9.46 -7.18 -43.06
N ASP C 290 9.89 -8.39 -43.42
CA ASP C 290 9.31 -9.59 -42.78
C ASP C 290 9.76 -9.55 -41.33
N ASP C 291 11.02 -9.16 -41.10
CA ASP C 291 11.67 -9.39 -39.77
C ASP C 291 11.33 -8.23 -38.81
N THR C 292 10.53 -7.23 -39.23
CA THR C 292 10.15 -6.08 -38.35
C THR C 292 9.39 -6.58 -37.10
N LYS C 293 9.56 -5.81 -36.03
CA LYS C 293 9.08 -6.05 -34.65
C LYS C 293 8.42 -4.75 -34.21
N ILE C 294 7.17 -4.81 -33.74
CA ILE C 294 6.44 -3.59 -33.27
C ILE C 294 6.54 -3.47 -31.74
N LEU C 295 6.99 -2.31 -31.30
CA LEU C 295 7.05 -1.94 -29.86
C LEU C 295 6.02 -0.83 -29.60
N HIS C 296 5.63 -0.70 -28.32
CA HIS C 296 4.78 0.38 -27.75
C HIS C 296 4.95 0.31 -26.22
N PRO C 297 5.31 1.44 -25.58
CA PRO C 297 5.60 1.42 -24.15
C PRO C 297 4.30 1.26 -23.38
N LEU C 298 3.21 1.76 -23.96
CA LEU C 298 1.81 1.56 -23.49
C LEU C 298 1.58 2.58 -22.38
N PRO C 299 0.32 3.02 -22.12
CA PRO C 299 -0.88 2.41 -22.69
C PRO C 299 -1.11 2.88 -24.13
N ARG C 300 -2.10 2.31 -24.83
CA ARG C 300 -2.49 2.77 -26.18
C ARG C 300 -3.95 3.25 -26.15
N VAL C 301 -4.33 4.15 -27.07
CA VAL C 301 -5.75 4.39 -27.47
C VAL C 301 -5.83 3.81 -28.89
N ASN C 302 -6.06 4.57 -29.96
CA ASN C 302 -6.40 4.01 -31.30
C ASN C 302 -5.14 3.76 -32.14
N GLU C 303 -3.94 4.09 -31.64
CA GLU C 303 -2.65 4.07 -32.41
C GLU C 303 -2.41 2.72 -33.08
N ILE C 304 -2.75 1.63 -32.36
CA ILE C 304 -2.66 0.21 -32.83
C ILE C 304 -4.04 -0.43 -32.68
N LYS C 305 -4.64 -0.81 -33.81
CA LYS C 305 -5.89 -1.63 -33.93
C LYS C 305 -5.67 -3.03 -33.32
N VAL C 306 -6.63 -3.50 -32.49
CA VAL C 306 -6.72 -4.87 -31.90
C VAL C 306 -6.02 -5.92 -32.81
N GLU C 307 -6.46 -6.03 -34.07
CA GLU C 307 -6.05 -7.05 -35.08
C GLU C 307 -4.53 -7.16 -35.26
N VAL C 308 -3.73 -6.21 -34.80
CA VAL C 308 -2.24 -6.27 -34.92
C VAL C 308 -1.67 -7.12 -33.78
N ASP C 309 -2.44 -7.31 -32.69
CA ASP C 309 -2.05 -8.11 -31.50
C ASP C 309 -1.71 -9.52 -31.96
N SER C 310 -2.56 -10.02 -32.87
CA SER C 310 -2.52 -11.34 -33.55
C SER C 310 -1.55 -11.40 -34.74
N ASN C 311 -0.87 -10.29 -35.10
CA ASN C 311 0.25 -10.26 -36.08
C ASN C 311 1.54 -10.63 -35.36
N PRO C 312 2.38 -11.58 -35.86
CA PRO C 312 3.58 -11.98 -35.12
C PRO C 312 4.71 -10.92 -35.12
N LYS C 313 4.49 -9.78 -35.79
CA LYS C 313 5.41 -8.61 -35.70
C LYS C 313 5.08 -7.74 -34.45
N SER C 314 3.86 -7.80 -33.89
CA SER C 314 3.51 -7.26 -32.53
C SER C 314 4.33 -7.97 -31.46
N VAL C 315 5.15 -7.24 -30.70
CA VAL C 315 5.89 -7.75 -29.52
C VAL C 315 5.72 -6.80 -28.31
N TYR C 316 4.78 -5.85 -28.33
CA TYR C 316 4.68 -4.82 -27.24
C TYR C 316 4.38 -5.45 -25.88
N PHE C 317 3.69 -6.60 -25.86
CA PHE C 317 3.33 -7.34 -24.63
C PHE C 317 4.56 -8.09 -24.09
N THR C 318 5.44 -8.64 -24.93
CA THR C 318 6.76 -9.18 -24.49
C THR C 318 7.63 -8.04 -23.90
N GLN C 319 7.48 -6.83 -24.44
CA GLN C 319 8.25 -5.63 -24.05
C GLN C 319 7.92 -5.28 -22.60
N ALA C 320 6.63 -5.14 -22.30
CA ALA C 320 6.11 -4.89 -20.93
C ALA C 320 6.61 -5.98 -19.98
N GLU C 321 6.50 -7.21 -20.43
CA GLU C 321 7.03 -8.38 -19.68
C GLU C 321 8.52 -8.13 -19.39
N ASN C 322 9.30 -7.69 -20.39
CA ASN C 322 10.78 -7.51 -20.22
C ASN C 322 11.04 -6.46 -19.16
N GLY C 323 10.12 -5.53 -18.94
CA GLY C 323 10.24 -4.45 -17.94
C GLY C 323 10.48 -5.05 -16.58
N LEU C 324 9.93 -6.23 -16.29
CA LEU C 324 10.13 -6.92 -14.99
C LEU C 324 11.57 -7.41 -14.89
N TYR C 325 12.07 -8.18 -15.86
CA TYR C 325 13.45 -8.74 -15.83
C TYR C 325 14.50 -7.62 -15.74
N VAL C 326 14.22 -6.50 -16.40
CA VAL C 326 15.22 -5.41 -16.59
C VAL C 326 15.25 -4.54 -15.33
N ARG C 327 14.09 -4.29 -14.71
CA ARG C 327 13.99 -3.51 -13.46
C ARG C 327 14.47 -4.38 -12.29
N MET C 328 14.16 -5.67 -12.29
CA MET C 328 14.81 -6.64 -11.36
C MET C 328 16.36 -6.56 -11.50
N ALA C 329 16.89 -6.60 -12.72
CA ALA C 329 18.36 -6.58 -13.00
C ALA C 329 18.95 -5.30 -12.42
N LEU C 330 18.31 -4.16 -12.69
CA LEU C 330 18.87 -2.84 -12.34
C LEU C 330 18.99 -2.77 -10.80
N LEU C 331 17.87 -3.05 -10.13
CA LEU C 331 17.78 -3.13 -8.66
C LEU C 331 18.84 -4.10 -8.16
N TYR C 332 18.99 -5.25 -8.80
CA TYR C 332 20.01 -6.22 -8.33
C TYR C 332 21.40 -5.59 -8.47
N LEU C 333 21.69 -4.90 -9.58
CA LEU C 333 23.06 -4.37 -9.83
C LEU C 333 23.39 -3.18 -8.90
N ILE C 334 22.41 -2.32 -8.63
CA ILE C 334 22.60 -1.09 -7.82
C ILE C 334 22.72 -1.41 -6.33
N PHE C 335 21.95 -2.37 -5.78
CA PHE C 335 21.78 -2.50 -4.31
C PHE C 335 22.25 -3.86 -3.73
N SER C 336 22.75 -4.82 -4.50
CA SER C 336 23.22 -6.14 -3.93
C SER C 336 24.57 -6.04 -3.21
N SER C 337 25.26 -7.21 -3.18
CA SER C 337 26.47 -7.69 -2.42
C SER C 337 26.70 -6.85 -1.16
N THR C 338 25.60 -6.50 -0.47
CA THR C 338 25.56 -5.77 0.84
C THR C 338 24.44 -6.37 1.70
N TRP C 341 22.50 -12.37 0.30
CA TRP C 341 22.53 -13.67 -0.44
C TRP C 341 23.91 -13.87 -1.05
N SER C 342 23.97 -13.53 -2.36
CA SER C 342 24.81 -13.97 -3.51
C SER C 342 23.98 -13.71 -4.80
N HIS C 343 24.32 -14.35 -5.91
CA HIS C 343 24.38 -13.66 -7.23
C HIS C 343 23.60 -14.38 -8.35
N PRO C 344 22.85 -13.70 -9.26
CA PRO C 344 22.59 -14.23 -10.60
C PRO C 344 23.78 -13.89 -11.50
N GLN C 345 24.88 -13.54 -10.85
CA GLN C 345 26.20 -13.49 -11.50
C GLN C 345 26.95 -14.78 -11.19
N PHE C 346 26.80 -15.64 -12.18
CA PHE C 346 27.77 -16.63 -12.69
C PHE C 346 28.68 -15.83 -13.66
N GLU C 347 28.39 -14.51 -13.80
CA GLU C 347 29.30 -13.42 -14.25
C GLU C 347 29.82 -13.70 -15.67
N CP D . 4.59 15.89 13.10
C CP D . 3.41 15.06 12.77
O CP D . 2.30 15.30 13.22
O4P CP D . 3.63 13.94 11.94
P CP D . 3.94 13.99 10.27
O1P CP D . 5.40 13.99 9.96
O2P CP D . 3.53 15.25 9.64
O3P CP D . 3.15 12.73 9.54
N CP E . 6.29 4.70 -18.92
C CP E . 5.39 5.84 -19.06
O CP E . 5.67 6.84 -19.67
O4P CP E . 4.13 5.70 -18.42
P CP E . 3.54 4.17 -18.04
O1P CP E . 4.25 3.08 -18.74
O2P CP E . 2.22 4.12 -18.65
O3P CP E . 3.36 3.81 -16.40
#